data_4BBF
#
_entry.id   4BBF
#
_cell.length_a   68.946
_cell.length_b   76.008
_cell.length_c   88.179
_cell.angle_alpha   75.53
_cell.angle_beta   67.00
_cell.angle_gamma   63.04
#
_symmetry.space_group_name_H-M   'P 1'
#
loop_
_entity.id
_entity.type
_entity.pdbx_description
1 polymer 'TYROSINE-PROTEIN KINASE JAK2'
2 non-polymer (2R)-N-[4-[2-[(4-morpholin-4-ylphenyl)amino]pyrimidin-4-yl]phenyl]pyrrolidine-2-carboxamide
3 water water
#
_entity_poly.entity_id   1
_entity_poly.type   'polypeptide(L)'
_entity_poly.pdbx_seq_one_letter_code
;GSRDPTQFEERHLKFLQQLGKGNFGSVEMCRYDPLQDNTGEVVAVKKLQHSTEEHLRDFEREIEILKSLQHDNIVKYKGV
CYSAGRRNLKLIMEYLPYGSLRDYLQKHKERIDHIKLLQYTSQICKGMEYLGTKRYIHRNLATRNILVENENRVKIGDFG
LTKVLPQDKEYYKVKEPGESPIFWYAPESLTESKFSVASDVWSFGVVLYELFTYIEKSKSPPAEFMRMIGNDKQGQMIVF
HLIELLKNNGRLPRPDGCPDEIYMIMTECWNNNVNQRPSFRDLALRVDQIRDNMAGEF
;
_entity_poly.pdbx_strand_id   A,B,C,D
#
loop_
_chem_comp.id
_chem_comp.type
_chem_comp.name
_chem_comp.formula
O19 non-polymer (2R)-N-[4-[2-[(4-morpholin-4-ylphenyl)amino]pyrimidin-4-yl]phenyl]pyrrolidine-2-carboxamide 'C25 H28 N6 O2'
#
# COMPACT_ATOMS: atom_id res chain seq x y z
N PRO A 5 11.64 17.40 -3.02
CA PRO A 5 11.68 15.92 -3.12
C PRO A 5 10.86 15.21 -2.02
N THR A 6 9.81 15.89 -1.55
CA THR A 6 8.93 15.45 -0.43
C THR A 6 7.81 14.41 -0.78
N GLN A 7 7.52 14.22 -2.07
CA GLN A 7 6.51 13.22 -2.46
C GLN A 7 7.12 12.09 -3.30
N PHE A 8 6.83 10.87 -2.85
CA PHE A 8 7.53 9.69 -3.34
C PHE A 8 6.44 8.89 -4.08
N GLU A 9 6.71 8.41 -5.30
CA GLU A 9 5.69 7.62 -6.04
C GLU A 9 5.78 6.19 -5.64
N GLU A 10 4.63 5.62 -5.28
CA GLU A 10 4.51 4.22 -4.83
C GLU A 10 5.01 3.21 -5.86
N ARG A 11 4.91 3.53 -7.16
CA ARG A 11 5.37 2.60 -8.22
C ARG A 11 6.90 2.36 -8.18
N HIS A 12 7.66 3.34 -7.68
CA HIS A 12 9.14 3.27 -7.63
C HIS A 12 9.70 2.92 -6.23
N LEU A 13 8.81 2.60 -5.30
CA LEU A 13 9.17 2.35 -3.89
C LEU A 13 9.11 0.86 -3.66
N LYS A 14 10.30 0.26 -3.73
CA LYS A 14 10.43 -1.19 -3.72
C LYS A 14 10.87 -1.70 -2.37
N PHE A 15 10.14 -2.73 -1.92
CA PHE A 15 10.40 -3.40 -0.66
C PHE A 15 11.71 -4.15 -0.63
N LEU A 16 12.46 -3.95 0.46
CA LEU A 16 13.75 -4.64 0.68
C LEU A 16 13.76 -5.54 1.95
N GLN A 17 13.39 -4.99 3.09
CA GLN A 17 13.49 -5.70 4.33
C GLN A 17 12.58 -5.16 5.39
N GLN A 18 12.11 -6.05 6.24
CA GLN A 18 11.42 -5.67 7.46
C GLN A 18 12.40 -5.05 8.48
N LEU A 19 12.01 -3.99 9.17
CA LEU A 19 12.94 -3.37 10.16
C LEU A 19 12.44 -3.46 11.60
N GLY A 20 11.11 -3.46 11.75
CA GLY A 20 10.48 -3.58 13.07
C GLY A 20 8.99 -3.51 12.87
N LYS A 21 8.24 -4.37 13.57
CA LYS A 21 6.75 -4.54 13.40
C LYS A 21 6.06 -4.54 14.78
N GLY A 22 4.97 -3.82 14.92
CA GLY A 22 4.22 -3.90 16.16
C GLY A 22 2.78 -4.20 15.83
N ASN A 23 1.87 -4.04 16.78
CA ASN A 23 0.47 -4.27 16.47
C ASN A 23 -0.10 -3.16 15.61
N PHE A 24 0.50 -1.98 15.63
CA PHE A 24 -0.10 -0.82 14.99
C PHE A 24 0.75 -0.10 13.96
N GLY A 25 1.97 -0.60 13.71
CA GLY A 25 2.94 0.05 12.84
C GLY A 25 3.99 -0.95 12.36
N SER A 26 4.60 -0.65 11.24
CA SER A 26 5.69 -1.46 10.71
C SER A 26 6.60 -0.54 9.95
N VAL A 27 7.89 -0.84 10.01
CA VAL A 27 8.90 -0.09 9.30
C VAL A 27 9.64 -1.07 8.44
N GLU A 28 9.89 -0.66 7.20
CA GLU A 28 10.54 -1.52 6.25
C GLU A 28 11.66 -0.78 5.59
N MET A 29 12.76 -1.46 5.28
CA MET A 29 13.75 -0.90 4.39
C MET A 29 13.27 -1.00 2.91
N CYS A 30 13.38 0.10 2.15
CA CYS A 30 12.95 0.06 0.76
C CYS A 30 13.96 0.78 -0.06
N ARG A 31 13.89 0.57 -1.38
CA ARG A 31 14.72 1.25 -2.39
C ARG A 31 13.81 2.14 -3.20
N TYR A 32 14.22 3.39 -3.37
CA TYR A 32 13.49 4.29 -4.21
C TYR A 32 14.27 4.56 -5.51
N ASP A 33 13.94 3.82 -6.59
CA ASP A 33 14.60 4.07 -7.88
C ASP A 33 13.67 4.65 -8.97
N PRO A 34 13.51 5.97 -9.00
CA PRO A 34 12.64 6.57 -10.02
C PRO A 34 13.25 6.59 -11.45
N LEU A 35 14.57 6.53 -11.56
CA LEU A 35 15.25 6.47 -12.85
C LEU A 35 15.38 5.02 -13.27
N GLN A 36 14.70 4.16 -12.51
CA GLN A 36 14.53 2.74 -12.81
C GLN A 36 15.79 2.20 -13.39
N ASP A 37 16.65 1.70 -12.50
CA ASP A 37 18.11 1.77 -12.64
C ASP A 37 18.63 0.84 -11.52
N ASN A 38 19.73 1.20 -10.86
CA ASN A 38 19.96 0.67 -9.50
C ASN A 38 20.45 1.72 -8.50
N THR A 39 20.92 2.84 -9.05
CA THR A 39 21.50 3.92 -8.26
C THR A 39 20.55 4.50 -7.19
N GLY A 40 19.24 4.26 -7.35
CA GLY A 40 18.23 4.76 -6.42
C GLY A 40 18.68 4.69 -4.97
N GLU A 41 17.97 5.42 -4.13
CA GLU A 41 18.37 5.62 -2.75
C GLU A 41 17.64 4.65 -1.81
N VAL A 42 18.33 4.18 -0.76
CA VAL A 42 17.72 3.29 0.24
C VAL A 42 17.06 4.11 1.36
N VAL A 43 15.80 3.79 1.69
CA VAL A 43 15.02 4.57 2.66
C VAL A 43 14.37 3.65 3.64
N ALA A 44 13.78 4.22 4.72
CA ALA A 44 13.03 3.47 5.70
C ALA A 44 11.61 4.00 5.57
N VAL A 45 10.63 3.09 5.57
CA VAL A 45 9.25 3.43 5.33
C VAL A 45 8.41 2.97 6.45
N LYS A 46 7.73 3.89 7.10
CA LYS A 46 6.82 3.46 8.15
C LYS A 46 5.38 3.50 7.62
N LYS A 47 4.61 2.47 7.96
CA LYS A 47 3.20 2.33 7.56
C LYS A 47 2.44 1.90 8.78
N LEU A 48 1.15 2.18 8.79
CA LEU A 48 0.31 1.63 9.85
C LEU A 48 0.08 0.14 9.61
N GLN A 49 -0.37 -0.56 10.68
CA GLN A 49 -0.78 -1.98 10.62
C GLN A 49 -2.11 -1.92 11.34
N HIS A 50 -3.11 -2.73 10.97
CA HIS A 50 -4.41 -2.65 11.68
C HIS A 50 -4.97 -1.24 11.84
N SER A 51 -4.93 -0.51 10.74
CA SER A 51 -5.22 0.95 10.67
C SER A 51 -6.71 1.20 10.94
N THR A 52 -6.99 2.31 11.61
CA THR A 52 -8.35 2.82 11.84
C THR A 52 -8.29 4.30 11.46
N GLU A 53 -9.45 4.91 11.30
CA GLU A 53 -9.54 6.37 11.09
C GLU A 53 -8.78 7.20 12.13
N GLU A 54 -8.99 6.90 13.41
CA GLU A 54 -8.29 7.61 14.49
C GLU A 54 -6.77 7.43 14.47
N HIS A 55 -6.32 6.21 14.17
CA HIS A 55 -4.90 5.93 14.07
C HIS A 55 -4.31 6.70 12.88
N LEU A 56 -5.10 6.86 11.79
CA LEU A 56 -4.63 7.59 10.60
C LEU A 56 -4.43 9.06 10.91
N ARG A 57 -5.41 9.65 11.59
CA ARG A 57 -5.29 11.00 12.09
C ARG A 57 -4.04 11.20 12.97
N ASP A 58 -3.85 10.30 13.91
CA ASP A 58 -2.63 10.26 14.74
C ASP A 58 -1.36 10.16 13.92
N PHE A 59 -1.37 9.36 12.84
CA PHE A 59 -0.19 9.16 12.01
C PHE A 59 0.18 10.45 11.25
N GLU A 60 -0.85 11.15 10.75
CA GLU A 60 -0.67 12.44 10.09
C GLU A 60 0.03 13.43 11.02
N ARG A 61 -0.40 13.47 12.29
CA ARG A 61 0.25 14.26 13.35
C ARG A 61 1.68 13.82 13.60
N GLU A 62 1.93 12.51 13.68
CA GLU A 62 3.30 11.93 13.83
C GLU A 62 4.24 12.34 12.65
N ILE A 63 3.69 12.33 11.43
CA ILE A 63 4.44 12.78 10.24
C ILE A 63 4.80 14.26 10.30
N GLU A 64 3.85 15.10 10.71
CA GLU A 64 4.05 16.53 10.82
C GLU A 64 5.07 16.79 11.93
N ILE A 65 4.99 16.03 13.02
CA ILE A 65 6.06 16.17 14.05
C ILE A 65 7.43 15.87 13.46
N LEU A 66 7.64 14.71 12.84
CA LEU A 66 8.99 14.39 12.39
C LEU A 66 9.46 15.40 11.35
N LYS A 67 8.54 15.82 10.48
CA LYS A 67 8.88 16.81 9.44
C LYS A 67 9.33 18.14 10.03
N SER A 68 8.72 18.52 11.14
CA SER A 68 9.11 19.73 11.88
C SER A 68 10.48 19.64 12.57
N LEU A 69 11.10 18.46 12.58
CA LEU A 69 12.37 18.28 13.32
C LEU A 69 13.55 18.20 12.37
N GLN A 70 14.57 19.04 12.63
CA GLN A 70 15.85 19.00 11.96
C GLN A 70 16.98 19.07 12.95
N HIS A 71 17.59 17.93 13.25
CA HIS A 71 18.65 17.81 14.29
C HIS A 71 19.49 16.57 13.98
N ASP A 72 20.80 16.66 14.22
CA ASP A 72 21.75 15.54 14.08
C ASP A 72 21.37 14.28 14.83
N ASN A 73 20.71 14.44 15.97
CA ASN A 73 20.35 13.25 16.73
C ASN A 73 18.87 12.91 16.63
N ILE A 74 18.27 13.24 15.50
CA ILE A 74 16.84 12.88 15.28
C ILE A 74 16.78 12.27 13.86
N VAL A 75 16.20 11.07 13.69
CA VAL A 75 16.06 10.47 12.32
C VAL A 75 15.50 11.50 11.27
N LYS A 76 16.11 11.58 10.08
CA LYS A 76 15.74 12.58 9.07
C LYS A 76 14.48 12.17 8.36
N TYR A 77 13.50 13.08 8.40
CA TYR A 77 12.28 13.08 7.57
C TYR A 77 12.70 13.15 6.10
N LYS A 78 12.08 12.39 5.19
CA LYS A 78 12.36 12.55 3.76
C LYS A 78 11.10 12.96 3.01
N GLY A 79 9.98 12.31 3.30
CA GLY A 79 8.73 12.72 2.64
C GLY A 79 7.61 11.78 2.98
N VAL A 80 6.52 11.85 2.20
CA VAL A 80 5.38 10.92 2.38
C VAL A 80 5.06 10.24 1.04
N CYS A 81 4.58 9.00 1.11
CA CYS A 81 4.09 8.35 -0.08
C CYS A 81 2.59 8.19 0.06
N TYR A 82 1.86 8.79 -0.87
CA TYR A 82 0.41 8.60 -0.85
C TYR A 82 0.02 7.41 -1.70
N SER A 83 0.22 6.24 -1.10
CA SER A 83 0.10 4.92 -1.66
C SER A 83 -1.38 4.50 -1.84
N ALA A 84 -1.61 3.28 -2.36
CA ALA A 84 -2.97 2.82 -2.84
C ALA A 84 -3.67 3.87 -3.71
N GLY A 85 -2.97 4.40 -4.71
CA GLY A 85 -3.54 5.43 -5.60
C GLY A 85 -4.03 6.63 -4.82
N ARG A 86 -3.18 7.07 -3.87
CA ARG A 86 -3.44 8.26 -3.08
C ARG A 86 -4.65 8.11 -2.11
N ARG A 87 -4.93 6.86 -1.72
CA ARG A 87 -5.93 6.63 -0.69
C ARG A 87 -5.33 6.08 0.61
N ASN A 88 -4.04 6.23 0.81
CA ASN A 88 -3.37 5.78 2.03
C ASN A 88 -2.11 6.62 2.17
N LEU A 89 -1.44 6.49 3.31
CA LEU A 89 -0.25 7.25 3.63
C LEU A 89 0.84 6.35 4.22
N LYS A 90 2.08 6.57 3.79
CA LYS A 90 3.27 5.96 4.39
C LYS A 90 4.31 7.07 4.54
N LEU A 91 5.19 6.92 5.54
CA LEU A 91 6.16 7.94 5.94
C LEU A 91 7.52 7.49 5.48
N ILE A 92 8.23 8.35 4.79
CA ILE A 92 9.57 8.05 4.25
C ILE A 92 10.64 8.78 5.12
N MET A 93 11.66 8.01 5.49
CA MET A 93 12.69 8.47 6.44
C MET A 93 14.04 8.08 5.86
N GLU A 94 15.14 8.68 6.34
CA GLU A 94 16.45 8.16 5.96
C GLU A 94 16.60 6.76 6.62
N TYR A 95 17.40 5.90 5.99
CA TYR A 95 17.76 4.58 6.48
C TYR A 95 19.08 4.60 7.24
N LEU A 96 19.03 4.05 8.45
CA LEU A 96 20.18 4.01 9.38
C LEU A 96 20.64 2.56 9.48
N PRO A 97 21.86 2.26 8.95
CA PRO A 97 22.28 0.85 8.79
C PRO A 97 22.38 0.03 10.05
N TYR A 98 22.62 0.66 11.18
CA TYR A 98 23.06 -0.17 12.32
C TYR A 98 21.98 -0.54 13.30
N GLY A 99 20.71 -0.26 12.94
CA GLY A 99 19.60 -0.81 13.70
C GLY A 99 19.41 -0.02 15.00
N SER A 100 18.79 -0.65 15.98
CA SER A 100 18.47 -0.03 17.21
C SER A 100 19.69 0.00 18.11
N LEU A 101 19.77 1.01 18.96
CA LEU A 101 20.88 1.04 19.92
C LEU A 101 20.80 -0.19 20.88
N ARG A 102 19.59 -0.64 21.20
CA ARG A 102 19.46 -1.87 21.97
C ARG A 102 20.21 -3.07 21.29
N ASP A 103 19.94 -3.28 20.01
CA ASP A 103 20.56 -4.42 19.27
C ASP A 103 22.09 -4.22 19.05
N TYR A 104 22.45 -2.97 18.78
CA TYR A 104 23.82 -2.59 18.53
C TYR A 104 24.71 -2.83 19.77
N LEU A 105 24.20 -2.46 20.93
CA LEU A 105 24.95 -2.54 22.18
C LEU A 105 25.30 -3.97 22.52
N GLN A 106 24.37 -4.84 22.23
CA GLN A 106 24.48 -6.27 22.44
C GLN A 106 25.40 -6.95 21.44
N LYS A 107 25.38 -6.48 20.21
CA LYS A 107 26.21 -7.10 19.17
C LYS A 107 27.64 -6.58 19.16
N HIS A 108 27.83 -5.36 19.64
CA HIS A 108 29.11 -4.67 19.45
C HIS A 108 29.74 -4.26 20.73
N LYS A 109 29.41 -4.97 21.81
CA LYS A 109 29.92 -4.69 23.18
C LYS A 109 31.47 -4.44 23.19
N GLU A 110 32.19 -5.21 22.38
CA GLU A 110 33.65 -5.18 22.36
C GLU A 110 34.31 -3.94 21.70
N ARG A 111 33.55 -3.17 20.95
CA ARG A 111 33.99 -1.84 20.62
C ARG A 111 33.16 -0.72 21.33
N ILE A 112 32.49 -1.03 22.44
CA ILE A 112 31.80 0.01 23.24
C ILE A 112 32.27 -0.03 24.70
N ASP A 113 32.93 1.01 25.17
CA ASP A 113 33.33 1.06 26.60
C ASP A 113 32.56 2.25 27.15
N HIS A 114 32.91 2.68 28.35
CA HIS A 114 32.13 3.69 29.09
C HIS A 114 32.07 5.03 28.46
N ILE A 115 33.20 5.54 27.97
CA ILE A 115 33.15 6.79 27.26
C ILE A 115 32.21 6.77 26.05
N LYS A 116 32.14 5.64 25.32
CA LYS A 116 31.27 5.50 24.14
C LYS A 116 29.81 5.52 24.60
N LEU A 117 29.49 4.73 25.62
CA LEU A 117 28.18 4.81 26.27
C LEU A 117 27.71 6.24 26.56
N LEU A 118 28.59 7.03 27.17
CA LEU A 118 28.36 8.44 27.51
C LEU A 118 28.29 9.39 26.30
N GLN A 119 29.01 9.03 25.23
CA GLN A 119 28.85 9.75 23.96
C GLN A 119 27.42 9.59 23.40
N TYR A 120 26.90 8.36 23.40
CA TYR A 120 25.49 8.12 23.05
C TYR A 120 24.51 8.92 23.95
N THR A 121 24.72 8.82 25.29
CA THR A 121 23.94 9.55 26.32
C THR A 121 23.76 10.98 25.99
N SER A 122 24.91 11.64 25.76
CA SER A 122 25.00 13.03 25.44
C SER A 122 24.20 13.42 24.20
N GLN A 123 24.36 12.61 23.14
CA GLN A 123 23.62 12.81 21.88
C GLN A 123 22.12 12.66 22.06
N ILE A 124 21.69 11.67 22.85
CA ILE A 124 20.26 11.50 23.23
C ILE A 124 19.70 12.74 23.96
N CYS A 125 20.43 13.23 24.98
CA CYS A 125 20.12 14.46 25.67
C CYS A 125 19.94 15.67 24.75
N LYS A 126 20.85 15.81 23.80
CA LYS A 126 20.81 16.93 22.87
C LYS A 126 19.60 16.88 21.91
N GLY A 127 19.26 15.68 21.45
CA GLY A 127 18.00 15.49 20.66
C GLY A 127 16.81 15.86 21.54
N MET A 128 16.82 15.38 22.77
CA MET A 128 15.77 15.71 23.73
C MET A 128 15.65 17.19 24.04
N GLU A 129 16.76 17.90 24.27
CA GLU A 129 16.77 19.38 24.37
C GLU A 129 16.06 20.03 23.16
N TYR A 130 16.47 19.60 21.98
CA TYR A 130 15.85 20.09 20.74
C TYR A 130 14.31 19.82 20.73
N LEU A 131 13.88 18.59 21.08
CA LEU A 131 12.43 18.31 21.17
C LEU A 131 11.68 19.24 22.10
N GLY A 132 12.32 19.58 23.22
CA GLY A 132 11.80 20.49 24.18
C GLY A 132 11.50 21.87 23.62
N THR A 133 12.34 22.36 22.70
CA THR A 133 12.13 23.65 22.01
C THR A 133 10.88 23.72 21.13
N LYS A 134 10.30 22.56 20.82
CA LYS A 134 9.08 22.49 20.04
C LYS A 134 7.90 22.10 20.91
N ARG A 135 8.16 21.99 22.22
CA ARG A 135 7.18 21.59 23.23
C ARG A 135 6.59 20.24 22.85
N TYR A 136 7.44 19.36 22.33
CA TYR A 136 7.03 18.04 22.07
C TYR A 136 7.46 17.16 23.25
N ILE A 137 6.58 16.27 23.64
CA ILE A 137 6.87 15.25 24.68
C ILE A 137 6.97 13.89 24.01
N HIS A 138 8.10 13.22 24.17
CA HIS A 138 8.35 12.01 23.37
C HIS A 138 7.50 10.79 23.83
N ARG A 139 7.47 10.58 25.13
CA ARG A 139 6.69 9.54 25.79
C ARG A 139 7.17 8.11 25.54
N ASN A 140 8.28 7.89 24.85
CA ASN A 140 8.65 6.52 24.51
C ASN A 140 10.16 6.31 24.45
N LEU A 141 10.91 7.05 25.26
CA LEU A 141 12.35 6.94 25.21
C LEU A 141 12.77 5.62 25.77
N ALA A 142 13.56 4.89 25.00
CA ALA A 142 14.00 3.53 25.29
C ALA A 142 15.10 3.22 24.28
N THR A 143 16.10 2.45 24.70
CA THR A 143 17.18 2.12 23.74
C THR A 143 16.68 1.43 22.44
N ARG A 144 15.59 0.67 22.51
CA ARG A 144 15.00 0.15 21.26
C ARG A 144 14.51 1.20 20.23
N ASN A 145 14.34 2.45 20.67
CA ASN A 145 13.76 3.55 19.88
C ASN A 145 14.80 4.57 19.43
N ILE A 146 16.05 4.29 19.77
CA ILE A 146 17.19 5.11 19.44
C ILE A 146 17.88 4.37 18.29
N LEU A 147 18.32 5.07 17.28
CA LEU A 147 18.92 4.36 16.13
C LEU A 147 20.37 4.70 15.98
N VAL A 148 21.09 3.77 15.36
CA VAL A 148 22.54 3.90 15.21
C VAL A 148 22.90 4.16 13.72
N GLU A 149 23.32 5.38 13.45
CA GLU A 149 23.78 5.78 12.10
C GLU A 149 25.18 5.19 11.82
N ASN A 150 26.09 5.40 12.79
CA ASN A 150 27.41 4.78 12.77
C ASN A 150 27.98 4.66 14.22
N GLU A 151 29.20 4.13 14.40
CA GLU A 151 29.79 4.08 15.75
C GLU A 151 29.88 5.44 16.49
N ASN A 152 29.88 6.57 15.77
CA ASN A 152 29.91 7.90 16.39
C ASN A 152 28.60 8.69 16.46
N ARG A 153 27.49 8.13 15.97
CA ARG A 153 26.23 8.90 15.88
C ARG A 153 24.99 8.06 16.07
N VAL A 154 24.23 8.39 17.13
CA VAL A 154 22.91 7.78 17.36
C VAL A 154 21.79 8.88 17.20
N LYS A 155 20.56 8.41 16.95
CA LYS A 155 19.42 9.30 16.58
C LYS A 155 18.16 8.77 17.17
N ILE A 156 17.38 9.65 17.76
CA ILE A 156 16.02 9.28 18.22
C ILE A 156 15.16 8.95 16.97
N GLY A 157 14.53 7.78 16.98
CA GLY A 157 13.82 7.22 15.80
C GLY A 157 12.41 7.04 16.32
N ASP A 158 11.40 7.00 15.56
CA ASP A 158 10.12 6.89 16.34
C ASP A 158 9.51 7.91 17.35
N PHE A 159 8.51 8.56 16.80
CA PHE A 159 7.72 9.60 17.42
C PHE A 159 6.27 9.19 17.46
N GLY A 160 6.04 7.89 17.40
CA GLY A 160 4.70 7.26 17.51
C GLY A 160 3.87 7.74 18.69
N LEU A 161 4.53 8.00 19.81
CA LEU A 161 3.83 8.35 21.03
C LEU A 161 3.86 9.81 21.34
N THR A 162 4.52 10.58 20.48
CA THR A 162 4.86 11.97 20.80
C THR A 162 3.66 12.90 20.84
N LYS A 163 3.60 13.79 21.83
CA LYS A 163 2.46 14.69 22.00
C LYS A 163 3.01 16.07 21.99
N VAL A 164 2.20 17.04 21.59
CA VAL A 164 2.59 18.42 21.67
C VAL A 164 1.87 18.97 22.92
N LEU A 165 2.58 19.73 23.75
CA LEU A 165 1.99 20.40 24.92
C LEU A 165 0.85 21.37 24.48
N PRO A 166 -0.24 21.46 25.27
CA PRO A 166 -1.22 22.56 25.08
C PRO A 166 -0.44 23.87 25.19
N GLN A 167 -0.93 24.95 24.59
CA GLN A 167 -0.09 26.15 24.66
C GLN A 167 -0.09 26.79 26.05
N ASP A 168 -1.05 26.35 26.88
CA ASP A 168 -1.32 26.92 28.21
C ASP A 168 -0.94 26.01 29.41
N LYS A 169 -0.38 24.81 29.13
CA LYS A 169 0.02 23.89 30.21
C LYS A 169 1.44 23.30 30.00
N GLU A 170 1.97 22.69 31.06
CA GLU A 170 3.33 22.14 31.01
C GLU A 170 3.36 20.61 30.99
N TYR A 171 2.15 20.05 30.87
CA TYR A 171 1.87 18.66 30.95
C TYR A 171 0.82 18.35 29.92
N TYR A 172 0.85 17.12 29.44
CA TYR A 172 -0.18 16.56 28.56
C TYR A 172 -0.84 15.35 29.27
N LYS A 173 -2.18 15.34 29.40
CA LYS A 173 -2.94 14.22 30.00
C LYS A 173 -3.45 13.31 28.90
N VAL A 174 -2.96 12.07 28.87
CA VAL A 174 -3.51 11.12 27.92
C VAL A 174 -4.65 10.40 28.64
N LYS A 175 -5.83 10.26 28.02
CA LYS A 175 -6.75 9.24 28.58
C LYS A 175 -6.58 7.85 27.94
N GLU A 176 -6.82 7.79 26.63
CA GLU A 176 -6.84 6.55 25.84
C GLU A 176 -5.93 5.33 26.22
N PRO A 177 -4.58 5.47 26.18
CA PRO A 177 -3.60 4.42 25.76
C PRO A 177 -4.02 2.93 25.74
N GLY A 178 -4.39 2.39 26.90
CA GLY A 178 -4.35 0.93 27.06
C GLY A 178 -2.89 0.52 27.30
N GLU A 179 -2.29 -0.17 26.31
CA GLU A 179 -0.94 -0.75 26.46
C GLU A 179 0.18 0.30 26.37
N SER A 180 1.04 0.34 27.39
CA SER A 180 2.05 1.37 27.53
C SER A 180 3.38 0.75 27.96
N PRO A 181 4.52 1.41 27.67
CA PRO A 181 5.81 0.90 28.19
C PRO A 181 6.01 1.28 29.69
N ILE A 182 5.20 0.67 30.55
CA ILE A 182 5.12 0.99 32.02
C ILE A 182 6.42 0.95 32.78
N PHE A 183 7.35 0.12 32.37
CA PHE A 183 8.63 0.02 33.08
C PHE A 183 9.61 1.20 32.79
N TRP A 184 9.26 2.11 31.86
CA TRP A 184 9.99 3.36 31.54
C TRP A 184 9.23 4.59 32.00
N TYR A 185 8.02 4.39 32.53
CA TYR A 185 7.20 5.53 32.93
C TYR A 185 7.51 6.17 34.29
N ALA A 186 7.50 7.51 34.29
CA ALA A 186 7.48 8.25 35.58
C ALA A 186 6.26 7.83 36.40
N PRO A 187 6.37 7.92 37.76
CA PRO A 187 5.24 7.53 38.61
C PRO A 187 3.95 8.34 38.34
N GLU A 188 4.04 9.66 38.10
CA GLU A 188 2.81 10.47 37.75
C GLU A 188 2.23 10.13 36.39
N SER A 189 3.01 9.48 35.54
CA SER A 189 2.49 9.05 34.24
C SER A 189 1.69 7.78 34.49
N LEU A 190 2.19 6.92 35.36
CA LEU A 190 1.48 5.71 35.73
C LEU A 190 0.17 6.05 36.49
N THR A 191 0.26 7.01 37.42
CA THR A 191 -0.84 7.36 38.33
C THR A 191 -1.87 8.34 37.76
N GLU A 192 -1.42 9.31 36.98
CA GLU A 192 -2.24 10.47 36.61
C GLU A 192 -2.32 10.62 35.05
N SER A 193 -1.63 9.72 34.31
CA SER A 193 -1.47 9.83 32.84
C SER A 193 -0.92 11.21 32.44
N LYS A 194 -0.04 11.76 33.25
CA LYS A 194 0.52 13.04 32.93
C LYS A 194 1.92 12.90 32.38
N PHE A 195 2.09 13.55 31.25
CA PHE A 195 3.32 13.52 30.51
C PHE A 195 3.89 14.91 30.31
N SER A 196 5.21 15.01 30.41
CA SER A 196 5.91 16.27 30.45
C SER A 196 7.38 16.08 30.09
N VAL A 197 8.09 17.19 29.96
CA VAL A 197 9.50 17.02 29.75
C VAL A 197 10.16 16.33 30.93
N ALA A 198 9.73 16.67 32.15
CA ALA A 198 10.12 15.96 33.40
C ALA A 198 9.91 14.43 33.39
N SER A 199 8.78 13.98 32.82
CA SER A 199 8.54 12.52 32.61
C SER A 199 9.42 11.94 31.53
N ASP A 200 9.71 12.73 30.49
CA ASP A 200 10.76 12.29 29.54
C ASP A 200 12.11 12.18 30.20
N VAL A 201 12.42 13.14 31.07
CA VAL A 201 13.74 13.07 31.85
C VAL A 201 13.82 11.77 32.74
N TRP A 202 12.69 11.37 33.32
CA TRP A 202 12.61 10.14 34.13
C TRP A 202 12.96 8.96 33.19
N SER A 203 12.26 8.90 32.03
CA SER A 203 12.51 7.85 31.05
C SER A 203 13.94 7.81 30.57
N PHE A 204 14.51 8.99 30.38
CA PHE A 204 15.90 9.11 30.00
C PHE A 204 16.81 8.42 31.05
N GLY A 205 16.54 8.66 32.35
CA GLY A 205 17.24 7.86 33.39
C GLY A 205 17.23 6.35 33.15
N VAL A 206 16.07 5.79 32.80
CA VAL A 206 15.96 4.38 32.49
C VAL A 206 16.82 3.96 31.23
N VAL A 207 16.85 4.85 30.24
CA VAL A 207 17.70 4.65 29.06
C VAL A 207 19.17 4.62 29.46
N LEU A 208 19.56 5.52 30.36
CA LEU A 208 20.95 5.52 30.89
C LEU A 208 21.30 4.19 31.64
N TYR A 209 20.40 3.77 32.53
CA TYR A 209 20.42 2.40 33.08
C TYR A 209 20.58 1.27 32.00
N GLU A 210 19.74 1.29 30.95
CA GLU A 210 19.85 0.34 29.86
C GLU A 210 21.25 0.34 29.29
N LEU A 211 21.80 1.52 28.99
CA LEU A 211 23.12 1.55 28.38
C LEU A 211 24.15 0.78 29.26
N PHE A 212 24.16 1.10 30.56
CA PHE A 212 25.17 0.56 31.46
C PHE A 212 24.93 -0.88 31.86
N THR A 213 23.76 -1.43 31.48
CA THR A 213 23.58 -2.87 31.55
C THR A 213 24.13 -3.60 30.33
N TYR A 214 24.54 -2.85 29.30
CA TYR A 214 24.92 -3.39 27.96
C TYR A 214 23.95 -4.40 27.42
N ILE A 215 22.66 -4.29 27.79
CA ILE A 215 21.57 -5.20 27.35
C ILE A 215 21.74 -6.72 27.73
N GLU A 216 22.41 -7.00 28.85
CA GLU A 216 22.52 -8.36 29.42
C GLU A 216 21.16 -8.80 29.91
N LYS A 217 20.76 -10.03 29.58
CA LYS A 217 19.31 -10.36 29.46
C LYS A 217 18.42 -10.08 30.70
N SER A 218 18.96 -10.53 31.83
CA SER A 218 18.25 -10.53 33.09
C SER A 218 18.34 -9.17 33.77
N LYS A 219 18.97 -8.20 33.10
CA LYS A 219 19.18 -6.88 33.67
C LYS A 219 18.26 -5.82 33.04
N SER A 220 17.31 -6.23 32.22
CA SER A 220 16.48 -5.24 31.54
C SER A 220 15.53 -4.61 32.56
N PRO A 221 15.05 -3.39 32.26
CA PRO A 221 14.07 -2.84 33.23
C PRO A 221 12.86 -3.75 33.50
N PRO A 222 12.19 -4.38 32.45
CA PRO A 222 11.08 -5.31 32.86
C PRO A 222 11.52 -6.52 33.72
N ALA A 223 12.67 -7.13 33.37
CA ALA A 223 13.22 -8.28 34.11
C ALA A 223 13.50 -7.92 35.56
N GLU A 224 14.16 -6.79 35.76
CA GLU A 224 14.43 -6.27 37.11
C GLU A 224 13.21 -5.87 37.95
N PHE A 225 12.36 -5.01 37.40
CA PHE A 225 11.16 -4.65 38.13
C PHE A 225 10.30 -5.87 38.42
N MET A 226 10.18 -6.83 37.48
CA MET A 226 9.38 -8.04 37.78
C MET A 226 10.04 -8.89 38.86
N ARG A 227 11.37 -9.07 38.82
CA ARG A 227 12.11 -9.64 40.00
C ARG A 227 11.68 -8.98 41.33
N MET A 228 11.75 -7.64 41.35
CA MET A 228 11.42 -6.88 42.52
C MET A 228 9.96 -7.02 42.93
N ILE A 229 9.03 -6.89 42.00
CA ILE A 229 7.65 -7.01 42.40
C ILE A 229 7.19 -8.47 42.61
N GLY A 230 7.80 -9.41 41.90
CA GLY A 230 7.51 -10.84 42.08
C GLY A 230 7.13 -11.37 40.72
N ASN A 231 7.94 -12.24 40.14
CA ASN A 231 7.72 -12.46 38.71
C ASN A 231 6.55 -13.39 38.42
N ASP A 232 5.89 -13.81 39.51
CA ASP A 232 4.60 -14.50 39.58
C ASP A 232 3.39 -13.66 39.22
N LYS A 233 3.40 -12.35 39.47
CA LYS A 233 2.12 -11.68 39.28
C LYS A 233 1.72 -11.24 37.88
N GLN A 234 0.42 -11.05 37.74
CA GLN A 234 -0.19 -10.99 36.46
C GLN A 234 -1.17 -9.85 36.47
N GLY A 235 -1.40 -9.26 35.30
CA GLY A 235 -2.55 -8.36 35.04
C GLY A 235 -2.92 -7.42 36.17
N GLN A 236 -3.06 -6.13 35.85
CA GLN A 236 -3.17 -4.99 36.78
C GLN A 236 -2.36 -5.07 38.06
N MET A 237 -2.35 -6.21 38.75
CA MET A 237 -1.58 -6.31 40.00
C MET A 237 -0.12 -5.93 39.76
N ILE A 238 0.38 -6.21 38.54
CA ILE A 238 1.74 -5.78 38.14
C ILE A 238 1.88 -4.27 38.30
N VAL A 239 0.91 -3.52 37.73
CA VAL A 239 0.99 -2.04 37.70
C VAL A 239 0.81 -1.49 39.12
N PHE A 240 -0.10 -2.11 39.87
CA PHE A 240 -0.31 -1.76 41.31
C PHE A 240 1.00 -1.81 42.09
N HIS A 241 1.69 -2.94 41.99
CA HIS A 241 2.95 -3.11 42.64
C HIS A 241 4.04 -2.19 42.16
N LEU A 242 4.07 -1.87 40.84
CA LEU A 242 5.07 -0.99 40.30
C LEU A 242 4.91 0.43 40.88
N ILE A 243 3.71 0.95 40.84
CA ILE A 243 3.41 2.25 41.42
C ILE A 243 3.81 2.31 42.88
N GLU A 244 3.48 1.26 43.63
CA GLU A 244 3.78 1.26 45.05
C GLU A 244 5.31 1.25 45.30
N LEU A 245 6.04 0.40 44.56
CA LEU A 245 7.50 0.31 44.60
C LEU A 245 8.12 1.70 44.30
N LEU A 246 7.69 2.30 43.18
CA LEU A 246 8.27 3.60 42.81
C LEU A 246 8.00 4.75 43.75
N LYS A 247 6.77 4.86 44.24
CA LYS A 247 6.35 5.93 45.10
C LYS A 247 7.19 5.93 46.39
N ASN A 248 7.67 4.76 46.77
CA ASN A 248 8.38 4.63 48.05
C ASN A 248 9.82 4.26 47.84
N ASN A 249 10.35 4.61 46.65
CA ASN A 249 11.79 4.68 46.41
C ASN A 249 12.42 3.37 46.00
N GLY A 250 11.64 2.37 45.55
CA GLY A 250 12.29 1.15 44.99
C GLY A 250 12.78 1.63 43.60
N ARG A 251 13.97 1.19 43.16
CA ARG A 251 14.59 1.74 41.96
C ARG A 251 15.33 0.57 41.32
N LEU A 252 15.64 0.69 40.03
CA LEU A 252 16.58 -0.22 39.38
C LEU A 252 17.94 -0.18 40.15
N PRO A 253 18.63 -1.33 40.22
CA PRO A 253 19.92 -1.24 40.92
C PRO A 253 21.02 -0.66 40.03
N ARG A 254 22.15 -0.33 40.65
CA ARG A 254 23.31 0.12 39.90
C ARG A 254 23.81 -1.07 39.06
N PRO A 255 23.94 -0.90 37.73
CA PRO A 255 24.51 -2.03 36.96
C PRO A 255 25.95 -2.37 37.43
N ASP A 256 26.37 -3.63 37.25
CA ASP A 256 27.76 -4.04 37.53
C ASP A 256 28.73 -3.24 36.67
N GLY A 257 29.76 -2.68 37.29
CA GLY A 257 30.74 -1.93 36.52
C GLY A 257 30.41 -0.45 36.33
N CYS A 258 29.22 -0.03 36.77
CA CYS A 258 28.74 1.36 36.57
C CYS A 258 29.30 2.23 37.68
N PRO A 259 30.01 3.31 37.32
CA PRO A 259 30.51 4.23 38.31
C PRO A 259 29.34 4.87 39.09
N ASP A 260 29.54 5.03 40.41
CA ASP A 260 28.70 5.85 41.27
C ASP A 260 28.22 7.18 40.65
N GLU A 261 29.15 7.99 40.14
CA GLU A 261 28.79 9.25 39.50
C GLU A 261 27.71 9.07 38.38
N ILE A 262 27.76 7.96 37.66
CA ILE A 262 26.77 7.71 36.57
C ILE A 262 25.46 7.18 37.11
N TYR A 263 25.51 6.30 38.11
CA TYR A 263 24.26 5.83 38.76
C TYR A 263 23.53 7.00 39.43
N MET A 264 24.30 7.93 40.01
CA MET A 264 23.77 9.17 40.63
C MET A 264 22.94 10.06 39.68
N ILE A 265 23.45 10.25 38.46
CA ILE A 265 22.66 10.88 37.40
C ILE A 265 21.32 10.14 37.18
N MET A 266 21.34 8.80 37.08
CA MET A 266 20.12 8.00 36.98
C MET A 266 19.17 8.27 38.13
N THR A 267 19.69 8.27 39.37
CA THR A 267 18.79 8.35 40.53
C THR A 267 18.18 9.78 40.63
N GLU A 268 18.92 10.79 40.18
CA GLU A 268 18.37 12.16 40.10
C GLU A 268 17.29 12.41 39.02
N CYS A 269 17.39 11.72 37.90
CA CYS A 269 16.31 11.64 36.92
C CYS A 269 15.09 10.91 37.54
N TRP A 270 15.34 9.90 38.36
CA TRP A 270 14.26 9.17 38.98
C TRP A 270 13.77 9.85 40.27
N ASN A 271 13.51 11.15 40.19
CA ASN A 271 12.97 11.88 41.37
C ASN A 271 11.46 11.83 41.31
N ASN A 272 10.77 11.40 42.37
CA ASN A 272 9.29 11.51 42.40
C ASN A 272 8.77 12.94 42.34
N ASN A 273 9.59 13.88 42.81
CA ASN A 273 9.37 15.34 42.73
C ASN A 273 9.70 15.81 41.30
N VAL A 274 8.65 15.91 40.50
CA VAL A 274 8.77 16.26 39.08
C VAL A 274 9.60 17.52 38.89
N ASN A 275 9.34 18.56 39.68
CA ASN A 275 10.03 19.85 39.56
C ASN A 275 11.48 19.85 39.98
N GLN A 276 11.96 18.80 40.67
CA GLN A 276 13.38 18.71 41.06
C GLN A 276 14.19 17.80 40.12
N ARG A 277 13.55 17.20 39.11
CA ARG A 277 14.31 16.44 38.08
C ARG A 277 15.17 17.41 37.29
N PRO A 278 16.41 16.99 36.90
CA PRO A 278 17.28 17.89 36.10
C PRO A 278 16.71 18.19 34.73
N SER A 279 17.11 19.32 34.11
CA SER A 279 16.77 19.60 32.71
C SER A 279 17.59 18.75 31.79
N PHE A 280 17.09 18.53 30.56
CA PHE A 280 17.96 17.92 29.52
C PHE A 280 19.25 18.74 29.23
N ARG A 281 19.15 20.05 29.31
CA ARG A 281 20.31 20.94 29.16
C ARG A 281 21.37 20.71 30.31
N ASP A 282 20.93 20.68 31.55
CA ASP A 282 21.94 20.30 32.57
C ASP A 282 22.45 18.84 32.54
N LEU A 283 21.59 17.90 32.22
CA LEU A 283 22.08 16.57 31.88
C LEU A 283 23.16 16.54 30.76
N ALA A 284 22.93 17.18 29.60
CA ALA A 284 23.97 17.26 28.53
C ALA A 284 25.31 17.84 29.04
N LEU A 285 25.24 19.00 29.69
CA LEU A 285 26.40 19.64 30.34
C LEU A 285 27.13 18.72 31.37
N ARG A 286 26.37 18.05 32.23
CA ARG A 286 26.95 17.07 33.19
C ARG A 286 27.72 15.92 32.53
N VAL A 287 27.00 15.22 31.63
CA VAL A 287 27.47 14.05 30.88
C VAL A 287 28.70 14.43 30.06
N ASP A 288 28.67 15.62 29.43
CA ASP A 288 29.80 16.11 28.65
C ASP A 288 31.03 16.38 29.49
N GLN A 289 30.82 16.87 30.72
CA GLN A 289 31.91 16.96 31.73
C GLN A 289 32.43 15.56 32.20
N ILE A 290 31.55 14.63 32.55
CA ILE A 290 32.01 13.29 32.88
C ILE A 290 32.82 12.63 31.74
N ARG A 291 32.39 12.89 30.49
CA ARG A 291 33.10 12.44 29.28
C ARG A 291 34.51 12.99 29.10
N ASP A 292 34.75 14.28 29.31
CA ASP A 292 36.09 14.62 29.75
C ASP A 292 36.08 14.39 31.27
N PRO B 5 34.05 -1.86 -13.38
CA PRO B 5 35.11 -2.41 -12.49
C PRO B 5 34.78 -3.76 -11.87
N THR B 6 35.65 -4.76 -12.08
CA THR B 6 35.60 -5.96 -11.22
C THR B 6 36.59 -5.78 -10.05
N GLN B 7 36.89 -4.51 -9.76
CA GLN B 7 37.66 -4.09 -8.58
C GLN B 7 37.04 -2.85 -7.95
N PHE B 8 36.72 -2.98 -6.68
CA PHE B 8 35.84 -2.05 -5.99
C PHE B 8 36.71 -1.43 -4.91
N GLU B 9 36.58 -0.12 -4.71
CA GLU B 9 37.33 0.55 -3.65
C GLU B 9 36.68 0.35 -2.27
N GLU B 10 37.46 -0.14 -1.30
CA GLU B 10 36.98 -0.45 0.07
C GLU B 10 36.31 0.73 0.79
N ARG B 11 36.59 1.96 0.35
CA ARG B 11 36.06 3.20 0.93
C ARG B 11 34.66 3.65 0.43
N HIS B 12 34.24 3.18 -0.74
CA HIS B 12 32.96 3.59 -1.35
C HIS B 12 31.80 2.58 -1.17
N LEU B 13 32.14 1.46 -0.54
CA LEU B 13 31.21 0.41 -0.20
C LEU B 13 30.60 0.67 1.18
N LYS B 14 29.33 1.04 1.22
CA LYS B 14 28.69 1.37 2.49
C LYS B 14 27.85 0.20 2.98
N PHE B 15 28.13 -0.29 4.17
CA PHE B 15 27.30 -1.30 4.82
C PHE B 15 25.82 -0.90 4.98
N LEU B 16 24.92 -1.83 4.68
CA LEU B 16 23.48 -1.65 4.81
C LEU B 16 22.81 -2.66 5.73
N GLN B 17 23.16 -3.94 5.57
CA GLN B 17 22.48 -5.06 6.25
C GLN B 17 23.33 -6.33 6.17
N GLN B 18 23.32 -7.13 7.24
CA GLN B 18 23.85 -8.49 7.25
C GLN B 18 22.88 -9.46 6.58
N LEU B 19 23.43 -10.29 5.69
CA LEU B 19 22.65 -11.27 4.91
C LEU B 19 22.86 -12.72 5.32
N GLY B 20 24.05 -13.06 5.80
CA GLY B 20 24.36 -14.43 6.11
C GLY B 20 25.61 -14.44 6.98
N LYS B 21 25.70 -15.40 7.89
CA LYS B 21 26.92 -15.58 8.73
C LYS B 21 27.10 -17.08 9.10
N GLY B 22 28.35 -17.53 9.05
CA GLY B 22 28.75 -18.86 9.54
C GLY B 22 29.99 -18.79 10.44
N ASN B 23 30.60 -19.95 10.67
CA ASN B 23 31.85 -20.01 11.45
C ASN B 23 33.00 -19.46 10.68
N PHE B 24 32.88 -19.44 9.35
CA PHE B 24 34.02 -19.12 8.51
C PHE B 24 33.79 -17.87 7.65
N GLY B 25 32.52 -17.49 7.45
CA GLY B 25 32.26 -16.38 6.54
C GLY B 25 31.04 -15.58 6.87
N SER B 26 30.92 -14.44 6.17
CA SER B 26 29.76 -13.54 6.22
C SER B 26 29.40 -12.89 4.91
N VAL B 27 28.12 -12.56 4.74
CA VAL B 27 27.70 -11.87 3.53
C VAL B 27 26.82 -10.72 4.02
N GLU B 28 27.08 -9.55 3.49
CA GLU B 28 26.34 -8.34 3.82
C GLU B 28 25.93 -7.63 2.58
N MET B 29 24.83 -6.91 2.70
CA MET B 29 24.29 -6.04 1.68
C MET B 29 25.01 -4.67 1.83
N CYS B 30 25.49 -4.11 0.71
CA CYS B 30 26.19 -2.82 0.75
C CYS B 30 25.71 -1.98 -0.40
N ARG B 31 26.01 -0.68 -0.29
CA ARG B 31 25.75 0.26 -1.36
C ARG B 31 27.09 0.64 -1.92
N TYR B 32 27.24 0.56 -3.24
CA TYR B 32 28.46 1.10 -3.85
C TYR B 32 28.20 2.51 -4.39
N ASP B 33 28.81 3.49 -3.74
CA ASP B 33 28.48 4.90 -3.96
C ASP B 33 29.76 5.72 -4.25
N PRO B 34 30.34 5.56 -5.46
CA PRO B 34 31.63 6.23 -5.73
C PRO B 34 31.49 7.77 -5.82
N LEU B 35 30.54 8.23 -6.63
CA LEU B 35 30.22 9.65 -6.83
C LEU B 35 29.88 10.39 -5.53
N GLN B 36 29.67 9.63 -4.45
CA GLN B 36 29.45 10.18 -3.11
C GLN B 36 28.11 10.84 -2.86
N ASP B 37 27.20 10.10 -2.22
CA ASP B 37 25.80 10.51 -1.93
C ASP B 37 24.87 9.34 -1.49
N ASN B 38 24.38 8.59 -2.49
CA ASN B 38 23.38 7.53 -2.36
C ASN B 38 22.99 7.05 -3.77
N THR B 39 23.43 7.78 -4.83
CA THR B 39 23.38 7.23 -6.20
C THR B 39 24.29 5.98 -6.25
N GLY B 40 23.84 4.90 -5.59
CA GLY B 40 24.62 3.69 -5.48
C GLY B 40 23.90 2.43 -5.87
N GLU B 41 24.61 1.56 -6.59
CA GLU B 41 24.13 0.20 -6.82
C GLU B 41 24.19 -0.52 -5.49
N VAL B 42 23.21 -1.38 -5.24
CA VAL B 42 23.17 -2.28 -4.08
C VAL B 42 23.76 -3.66 -4.48
N VAL B 43 24.80 -4.06 -3.76
CA VAL B 43 25.56 -5.27 -3.97
C VAL B 43 25.60 -6.10 -2.67
N ALA B 44 25.98 -7.38 -2.85
CA ALA B 44 26.23 -8.32 -1.75
C ALA B 44 27.72 -8.54 -1.78
N VAL B 45 28.29 -8.64 -0.60
CA VAL B 45 29.71 -8.70 -0.40
C VAL B 45 29.99 -9.85 0.57
N LYS B 46 30.79 -10.85 0.12
CA LYS B 46 31.24 -11.96 0.98
C LYS B 46 32.69 -11.72 1.48
N LYS B 47 32.89 -12.04 2.75
CA LYS B 47 34.19 -11.95 3.44
C LYS B 47 34.46 -13.19 4.31
N LEU B 48 35.70 -13.42 4.76
CA LEU B 48 35.99 -14.53 5.72
C LEU B 48 35.79 -14.32 7.27
N GLN B 49 35.19 -15.28 7.99
CA GLN B 49 35.15 -15.31 9.50
C GLN B 49 36.17 -16.37 10.00
N HIS B 50 36.69 -16.24 11.22
CA HIS B 50 37.76 -17.12 11.73
C HIS B 50 38.75 -17.63 10.66
N SER B 51 39.31 -16.74 9.83
CA SER B 51 40.11 -17.06 8.60
C SER B 51 41.47 -17.85 8.75
N THR B 52 42.05 -18.34 7.63
CA THR B 52 43.32 -19.16 7.54
C THR B 52 43.95 -19.36 6.11
N GLU B 53 45.14 -19.98 6.04
CA GLU B 53 45.73 -20.34 4.73
C GLU B 53 44.82 -21.23 3.87
N GLU B 54 44.31 -22.32 4.46
CA GLU B 54 43.31 -23.18 3.82
C GLU B 54 42.04 -22.41 3.40
N HIS B 55 41.43 -21.67 4.33
CA HIS B 55 40.18 -20.92 3.98
C HIS B 55 40.41 -19.88 2.90
N LEU B 56 41.51 -19.13 2.99
CA LEU B 56 41.85 -18.16 1.93
C LEU B 56 42.02 -18.77 0.52
N ARG B 57 42.81 -19.85 0.40
CA ARG B 57 42.99 -20.52 -0.89
C ARG B 57 41.64 -21.04 -1.45
N ASP B 58 40.83 -21.66 -0.60
CA ASP B 58 39.43 -22.03 -1.01
C ASP B 58 38.60 -20.84 -1.41
N PHE B 59 38.66 -19.76 -0.62
CA PHE B 59 37.88 -18.56 -0.99
C PHE B 59 38.33 -18.00 -2.37
N GLU B 60 39.63 -17.99 -2.62
CA GLU B 60 40.18 -17.54 -3.92
C GLU B 60 39.69 -18.40 -5.10
N ARG B 61 39.64 -19.72 -4.91
CA ARG B 61 39.03 -20.63 -5.90
C ARG B 61 37.51 -20.40 -6.09
N GLU B 62 36.81 -20.10 -4.99
CA GLU B 62 35.39 -19.84 -5.03
C GLU B 62 35.07 -18.57 -5.84
N ILE B 63 35.88 -17.54 -5.60
CA ILE B 63 35.88 -16.35 -6.46
C ILE B 63 36.18 -16.65 -7.94
N GLU B 64 37.18 -17.44 -8.24
CA GLU B 64 37.39 -17.80 -9.65
C GLU B 64 36.21 -18.63 -10.21
N ILE B 65 35.70 -19.58 -9.42
CA ILE B 65 34.51 -20.35 -9.85
C ILE B 65 33.36 -19.39 -10.20
N LEU B 66 32.95 -18.51 -9.28
CA LEU B 66 31.85 -17.61 -9.58
C LEU B 66 32.12 -16.60 -10.72
N LYS B 67 33.35 -16.14 -10.83
CA LYS B 67 33.72 -15.30 -11.98
C LYS B 67 33.54 -16.01 -13.36
N SER B 68 33.80 -17.30 -13.40
CA SER B 68 33.68 -18.11 -14.63
C SER B 68 32.26 -18.43 -15.09
N LEU B 69 31.29 -18.18 -14.21
CA LEU B 69 29.88 -18.53 -14.45
C LEU B 69 29.09 -17.31 -14.89
N GLN B 70 28.37 -17.42 -16.01
CA GLN B 70 27.45 -16.40 -16.51
C GLN B 70 26.20 -17.08 -16.98
N HIS B 71 25.19 -17.06 -16.11
CA HIS B 71 23.91 -17.73 -16.34
C HIS B 71 22.80 -17.04 -15.54
N ASP B 72 21.62 -16.98 -16.14
CA ASP B 72 20.41 -16.36 -15.57
C ASP B 72 20.02 -16.95 -14.24
N ASN B 73 20.41 -18.20 -13.97
CA ASN B 73 20.03 -18.82 -12.69
C ASN B 73 21.25 -19.12 -11.79
N ILE B 74 22.24 -18.23 -11.88
CA ILE B 74 23.44 -18.27 -11.06
C ILE B 74 23.74 -16.84 -10.70
N VAL B 75 23.86 -16.56 -9.41
CA VAL B 75 24.13 -15.17 -8.94
C VAL B 75 25.38 -14.51 -9.58
N LYS B 76 25.21 -13.26 -10.04
CA LYS B 76 26.23 -12.58 -10.89
C LYS B 76 27.41 -12.13 -10.08
N TYR B 77 28.60 -12.60 -10.44
CA TYR B 77 29.85 -12.02 -10.03
C TYR B 77 29.95 -10.55 -10.54
N LYS B 78 30.37 -9.64 -9.68
CA LYS B 78 30.63 -8.25 -10.07
C LYS B 78 32.11 -7.93 -9.88
N GLY B 79 32.74 -8.54 -8.90
CA GLY B 79 34.15 -8.25 -8.68
C GLY B 79 34.72 -8.61 -7.33
N VAL B 80 35.87 -8.04 -7.03
CA VAL B 80 36.49 -8.21 -5.74
C VAL B 80 36.89 -6.84 -5.15
N CYS B 81 37.20 -6.84 -3.85
CA CYS B 81 37.57 -5.63 -3.11
C CYS B 81 38.61 -6.03 -2.04
N TYR B 82 39.68 -5.23 -1.88
CA TYR B 82 40.89 -5.64 -1.13
C TYR B 82 41.21 -4.95 0.23
N SER B 83 40.35 -5.18 1.22
CA SER B 83 40.39 -4.65 2.60
C SER B 83 41.69 -4.73 3.46
N ALA B 84 41.69 -3.95 4.55
CA ALA B 84 42.78 -3.84 5.55
C ALA B 84 44.16 -3.56 4.96
N GLY B 85 44.29 -2.43 4.25
CA GLY B 85 45.54 -2.05 3.58
C GLY B 85 45.98 -3.09 2.55
N ARG B 86 45.01 -3.53 1.74
CA ARG B 86 45.19 -4.64 0.80
C ARG B 86 45.77 -5.90 1.47
N ARG B 87 45.47 -6.12 2.76
CA ARG B 87 45.78 -7.37 3.45
C ARG B 87 44.51 -8.26 3.73
N ASN B 88 43.40 -7.97 3.06
CA ASN B 88 42.28 -8.95 3.00
C ASN B 88 41.39 -8.91 1.73
N LEU B 89 40.62 -9.98 1.51
CA LEU B 89 39.94 -10.18 0.23
C LEU B 89 38.41 -10.23 0.40
N LYS B 90 37.68 -9.55 -0.49
CA LYS B 90 36.20 -9.57 -0.49
C LYS B 90 35.59 -9.74 -1.89
N LEU B 91 34.54 -10.58 -1.97
CA LEU B 91 33.84 -10.91 -3.19
C LEU B 91 32.59 -10.02 -3.40
N ILE B 92 32.47 -9.33 -4.51
CA ILE B 92 31.29 -8.54 -4.78
C ILE B 92 30.34 -9.24 -5.79
N MET B 93 29.07 -9.35 -5.46
CA MET B 93 28.14 -10.00 -6.39
C MET B 93 26.89 -9.18 -6.40
N GLU B 94 25.95 -9.49 -7.31
CA GLU B 94 24.71 -8.72 -7.40
C GLU B 94 23.95 -9.04 -6.12
N TYR B 95 23.04 -8.15 -5.77
CA TYR B 95 22.12 -8.32 -4.64
C TYR B 95 20.77 -8.75 -5.14
N LEU B 96 20.27 -9.85 -4.58
CA LEU B 96 18.96 -10.36 -4.96
C LEU B 96 18.05 -10.14 -3.75
N PRO B 97 16.99 -9.34 -3.95
CA PRO B 97 16.23 -8.78 -2.82
C PRO B 97 15.32 -9.70 -2.00
N TYR B 98 14.84 -10.79 -2.58
CA TYR B 98 13.94 -11.64 -1.85
C TYR B 98 14.53 -12.79 -1.07
N GLY B 99 15.86 -12.78 -0.90
CA GLY B 99 16.54 -13.65 0.08
C GLY B 99 16.53 -15.13 -0.34
N SER B 100 16.64 -16.02 0.65
CA SER B 100 16.74 -17.44 0.38
C SER B 100 15.40 -18.04 -0.02
N LEU B 101 15.45 -18.97 -0.97
CA LEU B 101 14.29 -19.72 -1.40
C LEU B 101 13.59 -20.45 -0.25
N ARG B 102 14.39 -21.01 0.66
CA ARG B 102 13.88 -21.61 1.90
C ARG B 102 13.01 -20.63 2.74
N ASP B 103 13.53 -19.44 3.04
CA ASP B 103 12.69 -18.41 3.73
C ASP B 103 11.48 -17.92 2.89
N TYR B 104 11.72 -17.63 1.62
CA TYR B 104 10.69 -17.10 0.68
C TYR B 104 9.49 -18.06 0.51
N LEU B 105 9.79 -19.34 0.36
CA LEU B 105 8.77 -20.37 0.24
C LEU B 105 7.91 -20.50 1.50
N GLN B 106 8.58 -20.50 2.65
CA GLN B 106 7.91 -20.53 3.93
C GLN B 106 7.00 -19.28 4.13
N LYS B 107 7.52 -18.12 3.80
CA LYS B 107 6.80 -16.82 3.90
C LYS B 107 5.57 -16.78 2.96
N HIS B 108 5.72 -17.32 1.76
CA HIS B 108 4.73 -17.09 0.70
C HIS B 108 4.01 -18.33 0.23
N LYS B 109 4.02 -19.37 1.08
CA LYS B 109 3.50 -20.71 0.75
C LYS B 109 2.09 -20.60 0.17
N GLU B 110 1.26 -19.71 0.76
CA GLU B 110 -0.15 -19.57 0.36
C GLU B 110 -0.41 -18.94 -1.03
N ARG B 111 0.64 -18.38 -1.63
CA ARG B 111 0.61 -17.91 -3.00
C ARG B 111 1.35 -18.78 -4.01
N ILE B 112 2.03 -19.84 -3.56
CA ILE B 112 2.88 -20.65 -4.48
C ILE B 112 2.24 -22.03 -4.65
N ASP B 113 1.62 -22.28 -5.82
CA ASP B 113 1.09 -23.57 -6.19
C ASP B 113 2.12 -24.49 -6.85
N HIS B 114 1.72 -25.69 -7.25
CA HIS B 114 2.62 -26.68 -7.83
C HIS B 114 3.34 -26.17 -9.10
N ILE B 115 2.60 -25.59 -10.03
CA ILE B 115 3.22 -25.09 -11.26
C ILE B 115 4.36 -24.06 -10.99
N LYS B 116 4.19 -23.29 -9.92
CA LYS B 116 5.14 -22.29 -9.50
C LYS B 116 6.38 -22.94 -8.85
N LEU B 117 6.17 -23.93 -7.99
CA LEU B 117 7.25 -24.78 -7.50
C LEU B 117 8.08 -25.40 -8.64
N LEU B 118 7.39 -25.83 -9.70
CA LEU B 118 8.07 -26.44 -10.89
C LEU B 118 8.84 -25.39 -11.65
N GLN B 119 8.38 -24.15 -11.61
CA GLN B 119 9.15 -23.07 -12.23
C GLN B 119 10.53 -22.90 -11.52
N TYR B 120 10.50 -22.86 -10.19
CA TYR B 120 11.73 -22.78 -9.38
C TYR B 120 12.64 -23.98 -9.63
N THR B 121 12.04 -25.17 -9.63
CA THR B 121 12.74 -26.44 -9.91
C THR B 121 13.49 -26.41 -11.23
N SER B 122 12.75 -26.00 -12.25
CA SER B 122 13.30 -25.84 -13.58
C SER B 122 14.57 -24.92 -13.64
N GLN B 123 14.48 -23.75 -13.06
CA GLN B 123 15.58 -22.78 -13.00
C GLN B 123 16.81 -23.32 -12.28
N ILE B 124 16.58 -24.11 -11.20
CA ILE B 124 17.67 -24.78 -10.46
C ILE B 124 18.34 -25.78 -11.35
N CYS B 125 17.56 -26.64 -12.02
CA CYS B 125 18.13 -27.60 -13.00
C CYS B 125 18.97 -26.99 -14.11
N LYS B 126 18.48 -25.88 -14.69
CA LYS B 126 19.20 -25.19 -15.73
C LYS B 126 20.54 -24.58 -15.22
N GLY B 127 20.52 -24.00 -14.03
CA GLY B 127 21.79 -23.49 -13.47
C GLY B 127 22.75 -24.63 -13.29
N MET B 128 22.20 -25.76 -12.86
CA MET B 128 22.97 -27.00 -12.70
C MET B 128 23.47 -27.58 -13.99
N GLU B 129 22.64 -27.67 -15.02
CA GLU B 129 23.15 -27.97 -16.39
C GLU B 129 24.33 -27.12 -16.70
N TYR B 130 24.18 -25.80 -16.52
CA TYR B 130 25.31 -24.89 -16.79
C TYR B 130 26.62 -25.25 -16.02
N LEU B 131 26.53 -25.49 -14.69
CA LEU B 131 27.71 -25.84 -13.89
C LEU B 131 28.42 -27.08 -14.42
N GLY B 132 27.64 -28.08 -14.86
CA GLY B 132 28.11 -29.29 -15.43
C GLY B 132 29.01 -29.13 -16.65
N THR B 133 28.66 -28.18 -17.53
CA THR B 133 29.48 -27.85 -18.71
C THR B 133 30.90 -27.32 -18.34
N LYS B 134 31.04 -26.72 -17.17
CA LYS B 134 32.37 -26.37 -16.67
C LYS B 134 33.04 -27.45 -15.85
N ARG B 135 32.43 -28.63 -15.70
CA ARG B 135 32.91 -29.70 -14.80
C ARG B 135 33.05 -29.28 -13.32
N TYR B 136 32.10 -28.46 -12.88
CA TYR B 136 31.96 -28.04 -11.49
C TYR B 136 30.96 -28.90 -10.76
N ILE B 137 31.36 -29.40 -9.60
CA ILE B 137 30.44 -30.17 -8.75
C ILE B 137 30.04 -29.28 -7.56
N HIS B 138 28.75 -28.98 -7.45
CA HIS B 138 28.26 -28.03 -6.43
C HIS B 138 28.42 -28.44 -4.96
N ARG B 139 28.05 -29.71 -4.70
CA ARG B 139 28.19 -30.36 -3.39
C ARG B 139 27.37 -29.81 -2.23
N ASN B 140 26.54 -28.79 -2.43
CA ASN B 140 25.77 -28.23 -1.32
C ASN B 140 24.40 -27.76 -1.76
N LEU B 141 23.81 -28.43 -2.74
CA LEU B 141 22.51 -27.97 -3.25
C LEU B 141 21.52 -28.19 -2.15
N ALA B 142 20.82 -27.12 -1.78
CA ALA B 142 19.80 -27.12 -0.72
C ALA B 142 19.01 -25.84 -0.93
N THR B 143 17.73 -25.82 -0.56
CA THR B 143 16.91 -24.56 -0.72
C THR B 143 17.48 -23.33 -0.04
N ARG B 144 18.21 -23.53 1.07
CA ARG B 144 18.82 -22.43 1.78
C ARG B 144 19.91 -21.73 0.98
N ASN B 145 20.48 -22.46 0.02
CA ASN B 145 21.55 -22.05 -0.88
C ASN B 145 21.07 -21.49 -2.26
N ILE B 146 19.75 -21.39 -2.44
CA ILE B 146 19.14 -20.83 -3.65
C ILE B 146 18.56 -19.49 -3.23
N LEU B 147 18.67 -18.50 -4.12
CA LEU B 147 18.31 -17.12 -3.88
C LEU B 147 17.13 -16.72 -4.78
N VAL B 148 16.34 -15.74 -4.33
CA VAL B 148 15.15 -15.29 -5.08
C VAL B 148 15.42 -13.87 -5.55
N GLU B 149 15.54 -13.70 -6.87
CA GLU B 149 15.58 -12.37 -7.44
C GLU B 149 14.22 -11.66 -7.44
N ASN B 150 13.16 -12.41 -7.79
CA ASN B 150 11.77 -11.92 -7.89
C ASN B 150 10.80 -13.12 -7.91
N GLU B 151 9.48 -12.88 -7.95
CA GLU B 151 8.49 -13.99 -7.94
C GLU B 151 8.75 -15.00 -9.07
N ASN B 152 9.42 -14.56 -10.12
CA ASN B 152 9.62 -15.41 -11.27
C ASN B 152 11.03 -15.92 -11.52
N ARG B 153 12.04 -15.49 -10.75
CA ARG B 153 13.40 -15.93 -10.98
C ARG B 153 14.14 -16.29 -9.71
N VAL B 154 14.75 -17.47 -9.72
CA VAL B 154 15.66 -17.90 -8.66
C VAL B 154 17.06 -18.24 -9.21
N LYS B 155 18.08 -18.26 -8.35
CA LYS B 155 19.46 -18.32 -8.78
C LYS B 155 20.23 -19.13 -7.74
N ILE B 156 21.11 -20.00 -8.22
CA ILE B 156 22.01 -20.71 -7.31
C ILE B 156 22.96 -19.64 -6.78
N GLY B 157 23.04 -19.60 -5.45
CA GLY B 157 23.92 -18.70 -4.71
C GLY B 157 25.04 -19.58 -4.23
N ASP B 158 25.67 -19.19 -3.17
CA ASP B 158 26.69 -20.01 -2.53
C ASP B 158 27.37 -21.18 -3.31
N PHE B 159 28.64 -20.96 -3.67
CA PHE B 159 29.57 -21.93 -4.30
C PHE B 159 30.74 -22.31 -3.37
N GLY B 160 30.52 -22.15 -2.08
CA GLY B 160 31.54 -22.34 -1.03
C GLY B 160 32.16 -23.72 -1.04
N LEU B 161 31.38 -24.72 -1.46
CA LEU B 161 31.84 -26.10 -1.47
C LEU B 161 32.10 -26.70 -2.86
N THR B 162 31.94 -25.89 -3.89
CA THR B 162 32.03 -26.39 -5.26
C THR B 162 33.46 -26.80 -5.58
N LYS B 163 33.60 -27.95 -6.23
CA LYS B 163 34.92 -28.45 -6.63
C LYS B 163 34.96 -28.56 -8.15
N VAL B 164 36.16 -28.38 -8.71
CA VAL B 164 36.39 -28.69 -10.13
C VAL B 164 36.80 -30.15 -10.29
N LEU B 165 36.22 -30.86 -11.24
CA LEU B 165 36.62 -32.25 -11.44
C LEU B 165 38.06 -32.30 -11.98
N PRO B 166 38.83 -33.34 -11.60
CA PRO B 166 40.14 -33.59 -12.25
C PRO B 166 39.88 -33.82 -13.74
N GLN B 167 40.89 -33.57 -14.58
CA GLN B 167 40.70 -33.73 -16.02
C GLN B 167 40.43 -35.18 -16.38
N ASP B 168 40.94 -36.09 -15.55
CA ASP B 168 40.88 -37.50 -15.86
C ASP B 168 39.76 -38.28 -15.15
N LYS B 169 38.95 -37.61 -14.33
CA LYS B 169 37.89 -38.31 -13.56
C LYS B 169 36.49 -37.64 -13.64
N GLU B 170 35.47 -38.46 -13.43
CA GLU B 170 34.09 -38.00 -13.39
C GLU B 170 33.60 -37.89 -11.93
N TYR B 171 34.55 -37.98 -11.01
CA TYR B 171 34.33 -37.93 -9.58
C TYR B 171 35.39 -37.08 -8.93
N TYR B 172 35.06 -36.52 -7.79
CA TYR B 172 36.05 -35.85 -6.95
C TYR B 172 35.89 -36.44 -5.52
N LYS B 173 37.00 -36.96 -4.99
CA LYS B 173 37.01 -37.57 -3.64
C LYS B 173 37.41 -36.52 -2.62
N VAL B 174 36.51 -36.30 -1.66
CA VAL B 174 36.70 -35.32 -0.58
C VAL B 174 36.52 -35.97 0.78
N LYS B 175 37.49 -36.80 1.17
CA LYS B 175 37.61 -37.33 2.56
C LYS B 175 36.91 -36.50 3.68
N GLU B 176 37.37 -35.25 3.82
CA GLU B 176 37.35 -34.44 5.06
C GLU B 176 36.03 -33.82 5.65
N PRO B 177 35.44 -32.77 5.02
CA PRO B 177 34.89 -31.58 5.74
C PRO B 177 34.66 -31.68 7.27
N GLY B 178 34.52 -32.90 7.77
CA GLY B 178 34.17 -33.16 9.17
C GLY B 178 32.66 -33.25 9.26
N GLU B 179 32.03 -32.07 9.40
CA GLU B 179 30.59 -31.93 9.36
C GLU B 179 30.19 -31.73 7.90
N SER B 180 29.27 -32.56 7.45
CA SER B 180 28.83 -32.55 6.07
C SER B 180 27.28 -32.47 6.11
N PRO B 181 26.64 -31.94 5.06
CA PRO B 181 25.19 -32.00 5.14
C PRO B 181 24.66 -33.44 4.81
N ILE B 182 24.79 -34.40 5.73
CA ILE B 182 24.64 -35.83 5.32
C ILE B 182 23.22 -36.22 4.80
N PHE B 183 22.22 -35.45 5.21
CA PHE B 183 20.84 -35.80 4.84
C PHE B 183 20.50 -35.33 3.42
N TRP B 184 21.44 -34.66 2.77
CA TRP B 184 21.31 -34.29 1.32
C TRP B 184 22.28 -35.08 0.46
N TYR B 185 23.17 -35.85 1.08
CA TYR B 185 24.18 -36.67 0.37
C TYR B 185 23.77 -38.01 -0.30
N ALA B 186 24.31 -38.24 -1.48
CA ALA B 186 24.16 -39.52 -2.18
C ALA B 186 24.93 -40.62 -1.38
N PRO B 187 24.48 -41.88 -1.46
CA PRO B 187 25.13 -42.98 -0.72
C PRO B 187 26.60 -43.10 -0.94
N GLU B 188 27.07 -42.87 -2.18
CA GLU B 188 28.49 -43.05 -2.47
C GLU B 188 29.28 -41.85 -1.99
N SER B 189 28.62 -40.73 -1.69
CA SER B 189 29.25 -39.61 -1.05
C SER B 189 29.44 -39.98 0.45
N LEU B 190 28.45 -40.63 1.03
CA LEU B 190 28.61 -41.07 2.43
C LEU B 190 29.65 -42.17 2.59
N THR B 191 29.64 -43.10 1.66
CA THR B 191 30.47 -44.29 1.78
C THR B 191 31.90 -44.12 1.25
N GLU B 192 32.10 -43.22 0.27
CA GLU B 192 33.32 -43.20 -0.53
C GLU B 192 33.88 -41.86 -0.65
N SER B 193 33.19 -40.87 -0.08
CA SER B 193 33.44 -39.43 -0.19
C SER B 193 33.59 -39.01 -1.67
N LYS B 194 32.77 -39.60 -2.53
CA LYS B 194 32.82 -39.38 -3.98
C LYS B 194 31.71 -38.38 -4.34
N PHE B 195 32.09 -37.26 -4.98
CA PHE B 195 31.15 -36.20 -5.42
C PHE B 195 31.25 -36.08 -6.96
N SER B 196 30.10 -35.99 -7.65
CA SER B 196 29.98 -36.04 -9.12
C SER B 196 28.70 -35.30 -9.52
N VAL B 197 28.49 -35.06 -10.82
CA VAL B 197 27.19 -34.53 -11.23
C VAL B 197 26.09 -35.47 -10.84
N ALA B 198 26.31 -36.80 -10.95
CA ALA B 198 25.34 -37.75 -10.40
C ALA B 198 25.00 -37.54 -8.91
N SER B 199 25.96 -37.18 -8.08
CA SER B 199 25.61 -36.91 -6.67
C SER B 199 24.92 -35.57 -6.56
N ASP B 200 25.24 -34.62 -7.44
CA ASP B 200 24.48 -33.32 -7.36
C ASP B 200 23.01 -33.63 -7.70
N VAL B 201 22.78 -34.59 -8.59
CA VAL B 201 21.38 -34.99 -9.05
C VAL B 201 20.62 -35.67 -7.88
N TRP B 202 21.35 -36.50 -7.12
CA TRP B 202 20.76 -36.98 -5.85
C TRP B 202 20.32 -35.82 -4.96
N SER B 203 21.25 -34.89 -4.67
CA SER B 203 20.94 -33.75 -3.80
C SER B 203 19.85 -32.87 -4.37
N PHE B 204 19.80 -32.72 -5.69
CA PHE B 204 18.67 -32.02 -6.35
C PHE B 204 17.29 -32.67 -6.03
N GLY B 205 17.23 -34.01 -6.08
CA GLY B 205 16.03 -34.78 -5.67
C GLY B 205 15.61 -34.35 -4.28
N VAL B 206 16.58 -34.16 -3.40
CA VAL B 206 16.24 -33.65 -2.04
C VAL B 206 15.72 -32.22 -2.01
N VAL B 207 16.27 -31.36 -2.86
CA VAL B 207 15.78 -29.96 -2.98
C VAL B 207 14.29 -29.99 -3.46
N LEU B 208 14.02 -30.80 -4.47
CA LEU B 208 12.63 -31.03 -5.01
C LEU B 208 11.70 -31.49 -3.87
N TYR B 209 12.13 -32.48 -3.10
CA TYR B 209 11.47 -32.84 -1.82
C TYR B 209 11.21 -31.63 -0.93
N GLU B 210 12.29 -30.86 -0.59
CA GLU B 210 12.14 -29.65 0.24
C GLU B 210 11.02 -28.72 -0.29
N LEU B 211 11.01 -28.45 -1.62
CA LEU B 211 10.05 -27.53 -2.27
C LEU B 211 8.61 -28.00 -2.02
N PHE B 212 8.36 -29.31 -2.21
CA PHE B 212 7.02 -29.84 -2.08
C PHE B 212 6.54 -30.03 -0.60
N THR B 213 7.46 -29.93 0.37
CA THR B 213 7.09 -29.85 1.80
C THR B 213 6.74 -28.41 2.21
N TYR B 214 6.98 -27.44 1.32
CA TYR B 214 6.87 -26.06 1.68
C TYR B 214 7.63 -25.74 2.98
N ILE B 215 8.64 -26.57 3.29
CA ILE B 215 9.55 -26.28 4.41
C ILE B 215 8.80 -26.31 5.75
N GLU B 216 7.79 -27.16 5.84
CA GLU B 216 7.04 -27.45 7.07
C GLU B 216 8.07 -28.11 8.03
N LYS B 217 8.38 -27.53 9.19
CA LYS B 217 9.60 -28.03 9.93
C LYS B 217 9.69 -29.56 10.21
N SER B 218 8.55 -30.15 10.60
CA SER B 218 8.55 -31.56 10.98
C SER B 218 8.78 -32.43 9.76
N LYS B 219 8.85 -31.81 8.58
CA LYS B 219 9.00 -32.55 7.33
C LYS B 219 10.42 -32.37 6.69
N SER B 220 11.32 -31.65 7.36
CA SER B 220 12.66 -31.42 6.79
C SER B 220 13.34 -32.78 6.59
N PRO B 221 14.30 -32.87 5.64
CA PRO B 221 15.07 -34.13 5.52
C PRO B 221 15.74 -34.61 6.83
N PRO B 222 16.41 -33.74 7.62
CA PRO B 222 16.90 -34.23 8.92
C PRO B 222 15.84 -34.81 9.90
N ALA B 223 14.72 -34.10 10.11
CA ALA B 223 13.57 -34.61 10.88
C ALA B 223 13.05 -35.97 10.39
N GLU B 224 12.86 -36.10 9.08
CA GLU B 224 12.31 -37.35 8.51
C GLU B 224 13.26 -38.54 8.67
N PHE B 225 14.52 -38.37 8.23
CA PHE B 225 15.58 -39.40 8.40
C PHE B 225 15.80 -39.75 9.87
N MET B 226 15.78 -38.77 10.75
CA MET B 226 16.06 -39.03 12.17
C MET B 226 14.92 -39.84 12.80
N ARG B 227 13.70 -39.59 12.35
CA ARG B 227 12.53 -40.32 12.73
C ARG B 227 12.64 -41.74 12.27
N MET B 228 13.10 -41.96 11.02
CA MET B 228 13.27 -43.30 10.46
C MET B 228 14.39 -44.09 11.10
N ILE B 229 15.49 -43.45 11.45
CA ILE B 229 16.57 -44.22 12.07
C ILE B 229 16.46 -44.37 13.61
N GLY B 230 15.81 -43.40 14.25
CA GLY B 230 15.67 -43.33 15.70
C GLY B 230 16.23 -42.00 16.21
N ASN B 231 15.38 -41.11 16.72
CA ASN B 231 15.95 -39.80 16.97
C ASN B 231 16.73 -39.73 18.29
N ASP B 232 16.92 -40.92 18.86
CA ASP B 232 17.79 -41.26 19.97
C ASP B 232 19.26 -41.31 19.52
N LYS B 233 19.46 -41.68 18.24
CA LYS B 233 20.82 -42.01 17.75
C LYS B 233 21.70 -40.77 17.78
N GLN B 234 22.98 -40.96 18.13
CA GLN B 234 23.92 -39.86 18.14
C GLN B 234 25.20 -40.27 17.46
N GLY B 235 25.94 -39.28 16.95
CA GLY B 235 27.29 -39.47 16.39
C GLY B 235 27.31 -40.29 15.12
N GLN B 236 28.38 -41.08 14.99
CA GLN B 236 28.60 -41.97 13.85
C GLN B 236 27.47 -42.96 13.62
N MET B 237 26.76 -43.30 14.66
CA MET B 237 25.71 -44.31 14.56
C MET B 237 24.65 -43.76 13.61
N ILE B 238 24.43 -42.42 13.62
CA ILE B 238 23.47 -41.83 12.69
C ILE B 238 23.88 -42.17 11.27
N VAL B 239 25.17 -42.00 10.97
CA VAL B 239 25.71 -42.23 9.63
C VAL B 239 25.65 -43.73 9.23
N PHE B 240 25.99 -44.60 10.20
CA PHE B 240 25.90 -46.06 9.97
C PHE B 240 24.46 -46.49 9.55
N HIS B 241 23.44 -46.00 10.30
CA HIS B 241 22.05 -46.32 10.05
C HIS B 241 21.53 -45.67 8.74
N LEU B 242 21.96 -44.45 8.47
CA LEU B 242 21.57 -43.75 7.22
C LEU B 242 22.04 -44.54 6.00
N ILE B 243 23.30 -44.97 6.04
CA ILE B 243 23.88 -45.75 4.94
C ILE B 243 23.08 -47.02 4.72
N GLU B 244 22.75 -47.75 5.81
CA GLU B 244 22.04 -49.01 5.68
C GLU B 244 20.61 -48.74 5.14
N LEU B 245 19.98 -47.70 5.66
CA LEU B 245 18.58 -47.28 5.30
C LEU B 245 18.52 -47.05 3.75
N LEU B 246 19.47 -46.28 3.27
CA LEU B 246 19.50 -45.84 1.85
C LEU B 246 19.84 -46.97 0.87
N LYS B 247 20.71 -47.88 1.31
CA LYS B 247 21.18 -49.02 0.54
C LYS B 247 20.01 -49.90 0.17
N ASN B 248 19.04 -50.05 1.09
CA ASN B 248 17.88 -50.91 0.88
C ASN B 248 16.56 -50.14 0.69
N ASN B 249 16.67 -48.97 0.07
CA ASN B 249 15.51 -48.24 -0.46
C ASN B 249 14.69 -47.45 0.51
N GLY B 250 15.28 -47.15 1.68
CA GLY B 250 14.63 -46.24 2.58
C GLY B 250 14.71 -44.85 1.97
N ARG B 251 13.61 -44.10 1.96
CA ARG B 251 13.60 -42.81 1.27
C ARG B 251 12.72 -41.89 2.03
N LEU B 252 12.96 -40.60 1.87
CA LEU B 252 12.04 -39.55 2.27
C LEU B 252 10.68 -39.85 1.68
N PRO B 253 9.62 -39.64 2.49
CA PRO B 253 8.26 -40.05 2.03
C PRO B 253 7.75 -39.01 1.03
N ARG B 254 6.70 -39.37 0.28
CA ARG B 254 6.04 -38.39 -0.59
C ARG B 254 5.43 -37.29 0.27
N PRO B 255 5.78 -36.01 0.03
CA PRO B 255 5.14 -34.99 0.84
C PRO B 255 3.59 -34.96 0.67
N ASP B 256 2.86 -34.43 1.69
CA ASP B 256 1.36 -34.40 1.60
C ASP B 256 1.03 -33.41 0.46
N GLY B 257 0.15 -33.84 -0.44
CA GLY B 257 -0.31 -32.99 -1.56
C GLY B 257 0.59 -33.08 -2.78
N CYS B 258 1.74 -33.77 -2.65
CA CYS B 258 2.66 -33.92 -3.76
C CYS B 258 2.12 -34.92 -4.78
N PRO B 259 2.05 -34.52 -6.07
CA PRO B 259 1.62 -35.55 -7.06
C PRO B 259 2.60 -36.68 -7.19
N ASP B 260 2.07 -37.86 -7.53
CA ASP B 260 2.87 -39.07 -7.69
C ASP B 260 3.95 -38.86 -8.76
N GLU B 261 3.60 -38.16 -9.83
CA GLU B 261 4.59 -37.96 -10.90
C GLU B 261 5.84 -37.20 -10.37
N ILE B 262 5.59 -36.18 -9.56
CA ILE B 262 6.66 -35.36 -9.02
C ILE B 262 7.50 -36.19 -8.05
N TYR B 263 6.83 -36.97 -7.18
CA TYR B 263 7.56 -37.91 -6.29
C TYR B 263 8.39 -38.97 -7.06
N MET B 264 7.87 -39.51 -8.16
CA MET B 264 8.62 -40.32 -9.12
C MET B 264 9.89 -39.68 -9.62
N ILE B 265 9.84 -38.40 -10.00
CA ILE B 265 11.07 -37.68 -10.34
C ILE B 265 12.09 -37.65 -9.14
N MET B 266 11.63 -37.35 -7.93
CA MET B 266 12.51 -37.45 -6.72
C MET B 266 13.22 -38.83 -6.62
N THR B 267 12.43 -39.91 -6.75
CA THR B 267 12.89 -41.28 -6.59
C THR B 267 13.83 -41.73 -7.66
N GLU B 268 13.62 -41.28 -8.91
CA GLU B 268 14.62 -41.42 -10.00
C GLU B 268 15.96 -40.70 -9.72
N CYS B 269 15.89 -39.53 -9.09
CA CYS B 269 17.15 -38.87 -8.68
C CYS B 269 17.84 -39.67 -7.57
N TRP B 270 17.05 -40.23 -6.66
CA TRP B 270 17.56 -41.06 -5.57
C TRP B 270 17.79 -42.53 -5.94
N ASN B 271 18.39 -42.78 -7.09
CA ASN B 271 18.81 -44.12 -7.51
C ASN B 271 20.16 -44.46 -6.90
N ASN B 272 20.29 -45.62 -6.25
CA ASN B 272 21.61 -46.05 -5.73
C ASN B 272 22.61 -46.28 -6.85
N ASN B 273 22.11 -46.64 -8.04
CA ASN B 273 22.97 -46.79 -9.27
C ASN B 273 23.22 -45.40 -9.80
N VAL B 274 24.42 -44.91 -9.58
CA VAL B 274 24.83 -43.57 -10.03
C VAL B 274 24.58 -43.36 -11.53
N ASN B 275 24.92 -44.38 -12.31
CA ASN B 275 24.73 -44.29 -13.75
C ASN B 275 23.29 -44.35 -14.30
N GLN B 276 22.30 -44.68 -13.45
CA GLN B 276 20.88 -44.64 -13.84
C GLN B 276 20.17 -43.34 -13.39
N ARG B 277 20.84 -42.50 -12.62
CA ARG B 277 20.22 -41.18 -12.33
C ARG B 277 19.99 -40.31 -13.57
N PRO B 278 18.93 -39.49 -13.57
CA PRO B 278 18.75 -38.69 -14.78
C PRO B 278 19.80 -37.57 -14.90
N SER B 279 20.01 -37.08 -16.11
CA SER B 279 20.79 -35.87 -16.32
C SER B 279 20.02 -34.63 -15.89
N PHE B 280 20.71 -33.58 -15.49
CA PHE B 280 20.03 -32.29 -15.31
C PHE B 280 19.31 -31.74 -16.61
N ARG B 281 19.86 -32.00 -17.77
CA ARG B 281 19.07 -31.61 -18.99
C ARG B 281 17.76 -32.40 -19.15
N ASP B 282 17.78 -33.71 -18.96
CA ASP B 282 16.48 -34.45 -18.98
C ASP B 282 15.46 -34.07 -17.93
N LEU B 283 15.96 -33.79 -16.72
CA LEU B 283 15.18 -33.15 -15.63
C LEU B 283 14.56 -31.80 -16.00
N ALA B 284 15.37 -30.86 -16.48
CA ALA B 284 14.80 -29.56 -16.90
C ALA B 284 13.74 -29.74 -18.01
N LEU B 285 14.04 -30.51 -19.05
CA LEU B 285 13.01 -30.80 -20.06
C LEU B 285 11.74 -31.42 -19.48
N ARG B 286 11.87 -32.55 -18.74
CA ARG B 286 10.69 -33.17 -18.10
C ARG B 286 9.82 -32.20 -17.28
N VAL B 287 10.49 -31.49 -16.37
CA VAL B 287 9.83 -30.49 -15.53
C VAL B 287 9.10 -29.39 -16.30
N ASP B 288 9.71 -28.83 -17.36
CA ASP B 288 9.03 -27.82 -18.15
C ASP B 288 7.89 -28.41 -18.99
N GLN B 289 8.03 -29.67 -19.41
CA GLN B 289 6.93 -30.30 -20.13
C GLN B 289 5.75 -30.57 -19.21
N ILE B 290 6.01 -30.96 -17.96
CA ILE B 290 4.96 -30.97 -16.92
C ILE B 290 4.27 -29.63 -16.74
N ARG B 291 5.10 -28.60 -16.60
CA ARG B 291 4.58 -27.27 -16.48
C ARG B 291 3.54 -27.13 -17.63
N ASP B 292 3.58 -28.07 -18.65
CA ASP B 292 2.33 -28.48 -19.61
C ASP B 292 1.39 -29.78 -19.76
N PRO C 5 -22.22 -2.07 -32.60
CA PRO C 5 -23.09 -3.27 -32.55
C PRO C 5 -24.18 -3.16 -31.45
N THR C 6 -25.37 -2.76 -31.86
CA THR C 6 -26.46 -2.34 -30.95
C THR C 6 -27.45 -3.49 -30.61
N GLN C 7 -28.23 -3.89 -31.62
CA GLN C 7 -28.98 -5.14 -31.64
C GLN C 7 -28.19 -6.11 -32.50
N PHE C 8 -28.23 -7.38 -32.12
CA PHE C 8 -27.36 -8.42 -32.70
C PHE C 8 -28.26 -9.30 -33.56
N GLU C 9 -27.81 -9.69 -34.75
CA GLU C 9 -28.57 -10.60 -35.61
C GLU C 9 -28.51 -12.04 -35.10
N GLU C 10 -29.69 -12.64 -34.90
CA GLU C 10 -29.89 -14.03 -34.47
C GLU C 10 -29.06 -15.01 -35.30
N ARG C 11 -28.95 -14.74 -36.60
CA ARG C 11 -28.22 -15.60 -37.54
C ARG C 11 -26.66 -15.60 -37.46
N HIS C 12 -26.05 -14.59 -36.82
CA HIS C 12 -24.57 -14.52 -36.72
C HIS C 12 -24.00 -14.92 -35.33
N LEU C 13 -24.88 -15.21 -34.38
CA LEU C 13 -24.48 -15.70 -33.08
C LEU C 13 -24.37 -17.23 -33.11
N LYS C 14 -23.13 -17.71 -33.09
CA LYS C 14 -22.88 -19.15 -33.14
C LYS C 14 -22.64 -19.69 -31.72
N PHE C 15 -23.44 -20.65 -31.29
CA PHE C 15 -23.23 -21.32 -30.00
C PHE C 15 -21.84 -22.00 -29.88
N LEU C 16 -21.19 -21.84 -28.73
CA LEU C 16 -19.86 -22.44 -28.43
C LEU C 16 -19.95 -23.35 -27.20
N GLN C 17 -20.54 -22.83 -26.14
CA GLN C 17 -20.85 -23.67 -24.94
C GLN C 17 -21.78 -23.03 -23.92
N GLN C 18 -22.34 -23.92 -23.07
CA GLN C 18 -23.26 -23.62 -21.99
C GLN C 18 -22.48 -23.16 -20.76
N LEU C 19 -22.87 -22.00 -20.25
CA LEU C 19 -22.20 -21.32 -19.11
C LEU C 19 -22.97 -21.44 -17.81
N GLY C 20 -24.32 -21.51 -17.89
CA GLY C 20 -25.12 -21.56 -16.69
C GLY C 20 -26.55 -21.87 -17.07
N LYS C 21 -27.24 -22.61 -16.20
CA LYS C 21 -28.64 -22.98 -16.41
C LYS C 21 -29.39 -23.04 -15.07
N GLY C 22 -30.60 -22.47 -15.06
CA GLY C 22 -31.49 -22.52 -13.92
C GLY C 22 -32.88 -22.99 -14.35
N ASN C 23 -33.86 -22.80 -13.46
CA ASN C 23 -35.23 -23.25 -13.74
C ASN C 23 -35.87 -22.35 -14.76
N PHE C 24 -35.41 -21.10 -14.81
CA PHE C 24 -36.06 -20.08 -15.60
C PHE C 24 -35.12 -19.46 -16.63
N GLY C 25 -33.85 -19.84 -16.65
CA GLY C 25 -32.93 -19.15 -17.54
C GLY C 25 -31.69 -19.95 -17.88
N SER C 26 -30.99 -19.50 -18.94
CA SER C 26 -29.73 -20.09 -19.40
C SER C 26 -28.78 -19.07 -19.89
N VAL C 27 -27.49 -19.38 -19.77
CA VAL C 27 -26.46 -18.49 -20.32
C VAL C 27 -25.50 -19.38 -21.11
N GLU C 28 -25.10 -18.90 -22.27
CA GLU C 28 -24.26 -19.64 -23.19
C GLU C 28 -23.24 -18.69 -23.78
N MET C 29 -22.09 -19.26 -24.08
CA MET C 29 -20.97 -18.60 -24.67
C MET C 29 -21.22 -18.78 -26.21
N CYS C 30 -21.05 -17.72 -27.00
CA CYS C 30 -21.42 -17.75 -28.41
C CYS C 30 -20.33 -16.93 -29.08
N ARG C 31 -20.11 -17.11 -30.37
CA ARG C 31 -19.28 -16.12 -31.04
C ARG C 31 -20.09 -15.33 -32.05
N TYR C 32 -19.70 -14.08 -32.22
CA TYR C 32 -20.42 -13.20 -33.13
C TYR C 32 -19.57 -12.89 -34.33
N ASP C 33 -20.01 -13.44 -35.45
CA ASP C 33 -19.21 -13.51 -36.65
C ASP C 33 -20.04 -12.94 -37.82
N PRO C 34 -20.09 -11.58 -37.92
CA PRO C 34 -21.04 -10.98 -38.85
C PRO C 34 -20.63 -11.17 -40.34
N LEU C 35 -19.44 -10.73 -40.71
CA LEU C 35 -18.93 -10.85 -42.08
C LEU C 35 -18.72 -12.31 -42.52
N GLN C 36 -19.33 -13.26 -41.79
CA GLN C 36 -19.32 -14.68 -42.16
C GLN C 36 -17.96 -15.34 -42.32
N ASP C 37 -17.68 -16.39 -41.55
CA ASP C 37 -16.29 -16.74 -41.33
C ASP C 37 -16.09 -17.38 -39.94
N ASN C 38 -15.37 -16.64 -39.09
CA ASN C 38 -15.02 -16.99 -37.71
C ASN C 38 -14.13 -15.88 -37.10
N THR C 39 -13.89 -14.82 -37.88
CA THR C 39 -13.44 -13.55 -37.31
C THR C 39 -14.62 -13.01 -36.45
N GLY C 40 -14.62 -13.36 -35.16
CA GLY C 40 -15.70 -12.97 -34.26
C GLY C 40 -15.37 -12.79 -32.79
N GLU C 41 -16.04 -11.82 -32.17
CA GLU C 41 -15.93 -11.63 -30.72
C GLU C 41 -16.67 -12.77 -30.01
N VAL C 42 -16.11 -13.21 -28.89
CA VAL C 42 -16.79 -14.15 -28.01
C VAL C 42 -17.60 -13.32 -27.00
N VAL C 43 -18.89 -13.63 -26.91
CA VAL C 43 -19.86 -12.96 -26.07
C VAL C 43 -20.59 -14.00 -25.26
N ALA C 44 -21.23 -13.54 -24.17
CA ALA C 44 -22.12 -14.38 -23.37
C ALA C 44 -23.56 -13.96 -23.64
N VAL C 45 -24.46 -14.94 -23.75
CA VAL C 45 -25.83 -14.69 -24.15
C VAL C 45 -26.82 -15.25 -23.14
N LYS C 46 -27.62 -14.38 -22.50
CA LYS C 46 -28.68 -14.90 -21.62
C LYS C 46 -30.09 -14.96 -22.27
N LYS C 47 -30.82 -16.03 -21.98
CA LYS C 47 -32.18 -16.24 -22.49
C LYS C 47 -33.09 -16.85 -21.43
N LEU C 48 -34.40 -16.71 -21.58
CA LEU C 48 -35.35 -17.30 -20.59
C LEU C 48 -35.64 -18.81 -20.61
N GLN C 49 -35.95 -19.41 -19.46
CA GLN C 49 -36.45 -20.80 -19.44
C GLN C 49 -37.79 -20.93 -18.69
N HIS C 50 -38.53 -21.99 -19.01
CA HIS C 50 -39.92 -22.12 -18.57
C HIS C 50 -40.58 -20.73 -18.43
N SER C 51 -40.33 -19.86 -19.42
CA SER C 51 -40.68 -18.40 -19.40
C SER C 51 -42.19 -18.03 -19.33
N THR C 52 -42.51 -16.73 -19.08
CA THR C 52 -43.87 -16.18 -18.79
C THR C 52 -43.98 -14.63 -18.82
N GLU C 53 -45.19 -14.09 -18.68
CA GLU C 53 -45.36 -12.60 -18.60
C GLU C 53 -44.54 -11.96 -17.48
N GLU C 54 -44.61 -12.57 -16.29
CA GLU C 54 -43.81 -12.10 -15.17
C GLU C 54 -42.31 -12.19 -15.42
N HIS C 55 -41.82 -13.38 -15.79
CA HIS C 55 -40.39 -13.53 -16.06
C HIS C 55 -39.92 -12.63 -17.17
N LEU C 56 -40.76 -12.45 -18.20
CA LEU C 56 -40.37 -11.55 -19.30
C LEU C 56 -40.22 -10.12 -18.83
N ARG C 57 -41.22 -9.60 -18.13
CA ARG C 57 -41.12 -8.23 -17.66
C ARG C 57 -39.89 -8.05 -16.71
N ASP C 58 -39.69 -8.99 -15.81
CA ASP C 58 -38.43 -8.99 -14.99
C ASP C 58 -37.18 -9.04 -15.84
N PHE C 59 -37.16 -9.91 -16.85
CA PHE C 59 -35.99 -9.96 -17.80
C PHE C 59 -35.70 -8.61 -18.50
N GLU C 60 -36.76 -7.94 -18.98
CA GLU C 60 -36.63 -6.61 -19.60
C GLU C 60 -36.05 -5.56 -18.65
N ARG C 61 -36.53 -5.56 -17.41
CA ARG C 61 -35.97 -4.69 -16.33
C ARG C 61 -34.48 -4.99 -16.05
N GLU C 62 -34.13 -6.27 -16.11
CA GLU C 62 -32.76 -6.75 -15.85
C GLU C 62 -31.78 -6.29 -16.93
N ILE C 63 -32.24 -6.38 -18.19
CA ILE C 63 -31.56 -5.78 -19.30
C ILE C 63 -31.38 -4.27 -19.15
N GLU C 64 -32.42 -3.53 -18.79
CA GLU C 64 -32.28 -2.09 -18.58
C GLU C 64 -31.33 -1.82 -17.41
N ILE C 65 -31.44 -2.60 -16.31
CA ILE C 65 -30.45 -2.44 -15.23
C ILE C 65 -29.02 -2.62 -15.74
N LEU C 66 -28.73 -3.72 -16.44
CA LEU C 66 -27.40 -3.96 -16.93
C LEU C 66 -26.87 -2.93 -17.96
N LYS C 67 -27.74 -2.50 -18.86
CA LYS C 67 -27.42 -1.43 -19.81
C LYS C 67 -27.07 -0.07 -19.13
N SER C 68 -27.75 0.24 -18.05
CA SER C 68 -27.43 1.44 -17.24
C SER C 68 -26.09 1.41 -16.50
N LEU C 69 -25.46 0.24 -16.38
CA LEU C 69 -24.27 0.09 -15.53
C LEU C 69 -23.02 0.14 -16.37
N GLN C 70 -22.06 1.00 -16.04
CA GLN C 70 -20.75 1.11 -16.69
C GLN C 70 -19.65 1.26 -15.69
N HIS C 71 -19.04 0.12 -15.35
CA HIS C 71 -18.02 0.01 -14.26
C HIS C 71 -17.11 -1.19 -14.48
N ASP C 72 -15.83 -1.03 -14.16
CA ASP C 72 -14.77 -2.06 -14.27
C ASP C 72 -15.06 -3.37 -13.58
N ASN C 73 -15.89 -3.34 -12.53
CA ASN C 73 -16.19 -4.57 -11.77
C ASN C 73 -17.67 -4.95 -11.92
N ILE C 74 -18.24 -4.63 -13.08
CA ILE C 74 -19.60 -5.05 -13.43
C ILE C 74 -19.59 -5.57 -14.87
N VAL C 75 -20.11 -6.77 -15.09
CA VAL C 75 -20.10 -7.38 -16.43
C VAL C 75 -20.75 -6.43 -17.49
N LYS C 76 -20.04 -6.28 -18.59
CA LYS C 76 -20.39 -5.35 -19.66
C LYS C 76 -21.60 -5.79 -20.51
N TYR C 77 -22.68 -5.03 -20.45
CA TYR C 77 -23.71 -4.99 -21.46
C TYR C 77 -23.11 -4.71 -22.87
N LYS C 78 -23.47 -5.55 -23.82
CA LYS C 78 -23.19 -5.34 -25.25
C LYS C 78 -24.49 -4.97 -26.01
N GLY C 79 -25.60 -5.59 -25.69
CA GLY C 79 -26.78 -5.40 -26.52
C GLY C 79 -27.85 -6.44 -26.30
N VAL C 80 -28.82 -6.46 -27.21
CA VAL C 80 -29.91 -7.42 -27.18
C VAL C 80 -30.00 -8.15 -28.52
N CYS C 81 -30.75 -9.25 -28.51
CA CYS C 81 -30.90 -10.04 -29.70
C CYS C 81 -32.29 -10.61 -29.68
N TYR C 82 -33.03 -10.47 -30.77
CA TYR C 82 -34.36 -11.09 -30.83
C TYR C 82 -34.33 -12.42 -31.58
N SER C 83 -35.20 -13.33 -31.15
CA SER C 83 -35.23 -14.73 -31.62
C SER C 83 -36.68 -15.16 -31.94
N ALA C 84 -36.84 -16.39 -32.48
CA ALA C 84 -38.11 -16.89 -33.06
C ALA C 84 -38.90 -15.84 -33.86
N GLY C 85 -38.30 -15.35 -34.95
CA GLY C 85 -38.92 -14.30 -35.80
C GLY C 85 -39.35 -13.09 -34.96
N ARG C 86 -38.43 -12.59 -34.14
CA ARG C 86 -38.72 -11.51 -33.17
C ARG C 86 -39.90 -11.83 -32.21
N ARG C 87 -40.17 -13.11 -31.91
CA ARG C 87 -41.05 -13.42 -30.78
C ARG C 87 -40.29 -13.90 -29.48
N ASN C 88 -38.96 -13.76 -29.44
CA ASN C 88 -38.24 -13.90 -28.15
C ASN C 88 -37.04 -12.94 -27.91
N LEU C 89 -36.66 -12.75 -26.64
CA LEU C 89 -35.66 -11.75 -26.24
C LEU C 89 -34.36 -12.39 -25.68
N LYS C 90 -33.20 -11.90 -26.11
CA LYS C 90 -31.85 -12.31 -25.55
C LYS C 90 -30.91 -11.17 -25.16
N LEU C 91 -30.24 -11.32 -24.01
CA LEU C 91 -29.26 -10.33 -23.56
C LEU C 91 -27.86 -10.74 -24.00
N ILE C 92 -27.09 -9.81 -24.57
CA ILE C 92 -25.72 -10.04 -24.94
C ILE C 92 -24.79 -9.19 -24.06
N MET C 93 -23.78 -9.84 -23.51
CA MET C 93 -22.84 -9.21 -22.63
C MET C 93 -21.45 -9.73 -22.95
N GLU C 94 -20.43 -9.07 -22.42
CA GLU C 94 -19.05 -9.52 -22.64
C GLU C 94 -18.92 -10.92 -22.04
N TYR C 95 -17.92 -11.66 -22.54
CA TYR C 95 -17.56 -12.96 -22.05
C TYR C 95 -16.35 -12.90 -21.18
N LEU C 96 -16.47 -13.39 -19.97
CA LEU C 96 -15.38 -13.41 -18.98
C LEU C 96 -14.88 -14.84 -18.81
N PRO C 97 -13.61 -15.09 -19.17
CA PRO C 97 -13.08 -16.44 -19.50
C PRO C 97 -12.85 -17.45 -18.34
N TYR C 98 -12.55 -16.93 -17.15
CA TYR C 98 -12.26 -17.76 -15.97
C TYR C 98 -13.47 -18.05 -15.05
N GLY C 99 -14.70 -17.80 -15.55
CA GLY C 99 -15.91 -18.31 -14.89
C GLY C 99 -16.21 -17.73 -13.49
N SER C 100 -16.98 -18.46 -12.70
CA SER C 100 -17.40 -17.97 -11.39
C SER C 100 -16.24 -17.91 -10.42
N LEU C 101 -16.28 -16.91 -9.56
CA LEU C 101 -15.29 -16.76 -8.46
C LEU C 101 -15.29 -17.97 -7.50
N ARG C 102 -16.48 -18.51 -7.20
CA ARG C 102 -16.66 -19.77 -6.45
C ARG C 102 -15.87 -20.98 -7.06
N ASP C 103 -16.03 -21.23 -8.36
CA ASP C 103 -15.23 -22.30 -9.02
C ASP C 103 -13.72 -21.94 -9.10
N TYR C 104 -13.42 -20.70 -9.48
CA TYR C 104 -12.00 -20.22 -9.68
C TYR C 104 -11.21 -20.31 -8.36
N LEU C 105 -11.86 -19.90 -7.28
CA LEU C 105 -11.23 -19.89 -5.95
C LEU C 105 -10.88 -21.33 -5.48
N GLN C 106 -11.85 -22.21 -5.62
CA GLN C 106 -11.70 -23.61 -5.25
C GLN C 106 -10.65 -24.34 -6.14
N LYS C 107 -10.74 -24.17 -7.43
CA LYS C 107 -10.07 -25.19 -8.17
C LYS C 107 -9.15 -24.47 -9.01
N HIS C 108 -8.12 -23.94 -8.31
CA HIS C 108 -7.34 -22.85 -8.91
C HIS C 108 -6.86 -21.79 -8.02
N LYS C 109 -6.54 -22.25 -6.84
CA LYS C 109 -6.50 -21.59 -5.61
C LYS C 109 -5.10 -21.59 -5.20
N GLU C 110 -4.67 -22.49 -4.20
CA GLU C 110 -3.25 -22.78 -3.71
C GLU C 110 -2.20 -21.76 -4.19
N ARG C 111 -2.66 -20.87 -5.07
CA ARG C 111 -1.92 -19.69 -5.46
C ARG C 111 -2.64 -18.43 -4.98
N ILE C 112 -3.74 -18.56 -4.24
CA ILE C 112 -4.39 -17.33 -3.79
C ILE C 112 -4.21 -17.16 -2.27
N ASP C 113 -3.42 -16.14 -1.88
CA ASP C 113 -3.06 -15.79 -0.51
C ASP C 113 -4.01 -14.69 -0.06
N HIS C 114 -3.90 -14.23 1.18
CA HIS C 114 -4.84 -13.26 1.71
C HIS C 114 -4.86 -11.93 0.93
N ILE C 115 -3.69 -11.46 0.51
CA ILE C 115 -3.57 -10.22 -0.30
C ILE C 115 -4.53 -10.29 -1.46
N LYS C 116 -4.56 -11.47 -2.07
CA LYS C 116 -5.24 -11.66 -3.33
C LYS C 116 -6.73 -11.75 -3.08
N LEU C 117 -7.13 -12.45 -2.03
CA LEU C 117 -8.53 -12.45 -1.61
C LEU C 117 -9.04 -11.02 -1.35
N LEU C 118 -8.18 -10.19 -0.75
CA LEU C 118 -8.53 -8.79 -0.43
C LEU C 118 -8.65 -8.00 -1.72
N GLN C 119 -7.85 -8.36 -2.74
CA GLN C 119 -7.98 -7.69 -4.04
C GLN C 119 -9.40 -7.96 -4.62
N TYR C 120 -9.82 -9.24 -4.64
CA TYR C 120 -11.18 -9.62 -5.12
C TYR C 120 -12.30 -8.97 -4.31
N THR C 121 -12.13 -8.95 -2.98
CA THR C 121 -13.04 -8.27 -2.05
C THR C 121 -13.26 -6.81 -2.33
N SER C 122 -12.19 -6.05 -2.54
CA SER C 122 -12.37 -4.64 -2.73
C SER C 122 -12.97 -4.34 -4.14
N GLN C 123 -12.69 -5.15 -5.14
CA GLN C 123 -13.36 -5.05 -6.45
C GLN C 123 -14.87 -5.24 -6.40
N ILE C 124 -15.31 -6.22 -5.58
CA ILE C 124 -16.71 -6.45 -5.29
C ILE C 124 -17.31 -5.24 -4.60
N CYS C 125 -16.63 -4.72 -3.56
CA CYS C 125 -17.06 -3.48 -2.86
C CYS C 125 -17.27 -2.28 -3.80
N LYS C 126 -16.31 -2.07 -4.71
CA LYS C 126 -16.39 -0.99 -5.69
C LYS C 126 -17.61 -1.10 -6.67
N GLY C 127 -17.84 -2.31 -7.18
CA GLY C 127 -18.97 -2.53 -8.11
C GLY C 127 -20.24 -2.25 -7.33
N MET C 128 -20.25 -2.69 -6.07
CA MET C 128 -21.33 -2.40 -5.13
C MET C 128 -21.54 -0.94 -4.81
N GLU C 129 -20.47 -0.15 -4.54
CA GLU C 129 -20.57 1.32 -4.42
C GLU C 129 -21.25 1.91 -5.64
N TYR C 130 -20.75 1.51 -6.81
CA TYR C 130 -21.40 1.93 -8.09
C TYR C 130 -22.92 1.62 -8.16
N LEU C 131 -23.36 0.37 -7.87
CA LEU C 131 -24.83 0.02 -7.88
C LEU C 131 -25.62 0.94 -6.98
N GLY C 132 -25.10 1.24 -5.79
CA GLY C 132 -25.68 2.19 -4.88
C GLY C 132 -26.01 3.59 -5.43
N THR C 133 -25.09 4.16 -6.19
CA THR C 133 -25.31 5.47 -6.82
C THR C 133 -26.49 5.46 -7.79
N LYS C 134 -26.85 4.30 -8.34
CA LYS C 134 -28.11 4.22 -9.10
C LYS C 134 -29.30 3.78 -8.28
N ARG C 135 -29.15 3.62 -6.96
CA ARG C 135 -30.23 3.10 -6.09
C ARG C 135 -30.75 1.72 -6.49
N TYR C 136 -29.82 0.84 -6.90
CA TYR C 136 -30.10 -0.54 -7.22
C TYR C 136 -29.70 -1.40 -6.03
N ILE C 137 -30.58 -2.29 -5.65
CA ILE C 137 -30.30 -3.23 -4.56
C ILE C 137 -30.09 -4.60 -5.23
N HIS C 138 -28.85 -5.08 -5.15
CA HIS C 138 -28.49 -6.36 -5.85
C HIS C 138 -29.24 -7.62 -5.41
N ARG C 139 -29.33 -7.82 -4.07
CA ARG C 139 -30.15 -8.87 -3.45
C ARG C 139 -29.71 -10.34 -3.58
N ASN C 140 -28.55 -10.62 -4.15
CA ASN C 140 -28.08 -12.02 -4.46
C ASN C 140 -26.58 -12.06 -4.51
N LEU C 141 -25.94 -11.18 -3.76
CA LEU C 141 -24.47 -11.16 -3.68
C LEU C 141 -23.99 -12.47 -3.11
N ALA C 142 -23.16 -13.16 -3.87
CA ALA C 142 -22.62 -14.50 -3.47
C ALA C 142 -21.46 -14.78 -4.40
N THR C 143 -20.44 -15.53 -3.95
CA THR C 143 -19.27 -15.79 -4.82
C THR C 143 -19.69 -16.46 -6.15
N ARG C 144 -20.78 -17.21 -6.15
CA ARG C 144 -21.21 -17.83 -7.42
C ARG C 144 -21.69 -16.84 -8.51
N ASN C 145 -22.05 -15.64 -8.07
CA ASN C 145 -22.59 -14.58 -8.91
C ASN C 145 -21.53 -13.56 -9.33
N ILE C 146 -20.27 -13.84 -9.00
CA ILE C 146 -19.11 -12.97 -9.29
C ILE C 146 -18.30 -13.72 -10.33
N LEU C 147 -17.86 -13.01 -11.37
CA LEU C 147 -17.16 -13.62 -12.51
C LEU C 147 -15.70 -13.18 -12.50
N VAL C 148 -14.82 -14.03 -13.05
CA VAL C 148 -13.40 -13.75 -13.10
C VAL C 148 -13.02 -13.44 -14.54
N GLU C 149 -12.60 -12.19 -14.79
CA GLU C 149 -12.04 -11.80 -16.10
C GLU C 149 -10.58 -12.33 -16.32
N ASN C 150 -9.72 -12.09 -15.35
CA ASN C 150 -8.36 -12.61 -15.33
C ASN C 150 -7.91 -12.71 -13.85
N GLU C 151 -6.65 -13.10 -13.59
CA GLU C 151 -6.21 -13.35 -12.21
C GLU C 151 -6.31 -12.07 -11.39
N ASN C 152 -6.31 -10.93 -12.07
CA ASN C 152 -6.35 -9.60 -11.41
C ASN C 152 -7.71 -8.86 -11.41
N ARG C 153 -8.76 -9.39 -12.03
CA ARG C 153 -10.01 -8.64 -12.13
C ARG C 153 -11.22 -9.53 -12.04
N VAL C 154 -12.13 -9.16 -11.14
CA VAL C 154 -13.40 -9.79 -10.98
C VAL C 154 -14.56 -8.81 -11.19
N LYS C 155 -15.73 -9.35 -11.54
CA LYS C 155 -16.88 -8.47 -11.86
C LYS C 155 -18.16 -9.08 -11.33
N ILE C 156 -19.07 -8.22 -10.86
CA ILE C 156 -20.42 -8.67 -10.48
C ILE C 156 -21.10 -9.06 -11.78
N GLY C 157 -21.57 -10.31 -11.79
CA GLY C 157 -22.30 -10.94 -12.90
C GLY C 157 -23.74 -10.94 -12.44
N ASP C 158 -24.60 -11.56 -13.15
CA ASP C 158 -25.96 -11.77 -12.63
C ASP C 158 -26.71 -10.70 -11.76
N PHE C 159 -27.63 -9.99 -12.40
CA PHE C 159 -28.51 -9.01 -11.74
C PHE C 159 -29.97 -9.45 -11.82
N GLY C 160 -30.18 -10.75 -11.98
CA GLY C 160 -31.51 -11.38 -12.00
C GLY C 160 -32.48 -10.93 -10.93
N LEU C 161 -31.99 -10.62 -9.72
CA LEU C 161 -32.88 -10.27 -8.59
C LEU C 161 -32.76 -8.82 -8.15
N THR C 162 -32.03 -8.05 -8.93
CA THR C 162 -31.73 -6.69 -8.52
C THR C 162 -33.00 -5.85 -8.58
N LYS C 163 -33.17 -4.94 -7.65
CA LYS C 163 -34.36 -4.11 -7.69
C LYS C 163 -33.94 -2.67 -7.59
N VAL C 164 -34.72 -1.83 -8.27
CA VAL C 164 -34.61 -0.38 -8.12
C VAL C 164 -35.37 0.14 -6.88
N LEU C 165 -34.73 0.97 -6.09
CA LEU C 165 -35.42 1.51 -4.92
C LEU C 165 -36.52 2.47 -5.37
N PRO C 166 -37.64 2.53 -4.62
CA PRO C 166 -38.66 3.59 -4.82
C PRO C 166 -38.03 4.96 -4.56
N GLN C 167 -38.57 5.98 -5.23
CA GLN C 167 -38.12 7.37 -5.10
C GLN C 167 -38.11 7.81 -3.65
N ASP C 168 -39.10 7.34 -2.88
CA ASP C 168 -39.31 7.85 -1.54
C ASP C 168 -38.81 6.95 -0.38
N LYS C 169 -38.19 5.81 -0.69
CA LYS C 169 -37.80 4.83 0.33
C LYS C 169 -36.36 4.32 0.18
N GLU C 170 -35.77 3.92 1.32
CA GLU C 170 -34.41 3.40 1.36
C GLU C 170 -34.45 1.87 1.43
N TYR C 171 -35.64 1.31 1.21
CA TYR C 171 -35.92 -0.10 1.30
C TYR C 171 -36.84 -0.46 0.14
N TYR C 172 -36.74 -1.72 -0.27
CA TYR C 172 -37.66 -2.34 -1.19
C TYR C 172 -38.18 -3.62 -0.46
N LYS C 173 -39.49 -3.80 -0.44
CA LYS C 173 -40.11 -4.93 0.28
C LYS C 173 -40.54 -5.92 -0.78
N VAL C 174 -40.10 -7.17 -0.64
CA VAL C 174 -40.40 -8.22 -1.60
C VAL C 174 -41.29 -9.32 -1.01
N LYS C 175 -42.50 -9.46 -1.56
CA LYS C 175 -43.46 -10.56 -1.19
C LYS C 175 -43.33 -11.87 -2.01
N GLU C 176 -42.79 -11.75 -3.24
CA GLU C 176 -42.69 -12.79 -4.28
C GLU C 176 -42.00 -14.16 -4.00
N PRO C 177 -40.88 -14.17 -3.23
CA PRO C 177 -39.79 -15.14 -3.52
C PRO C 177 -40.19 -16.62 -3.64
N GLY C 178 -40.85 -17.15 -2.62
CA GLY C 178 -40.91 -18.59 -2.43
C GLY C 178 -39.55 -19.12 -1.99
N GLU C 179 -38.64 -19.27 -2.95
CA GLU C 179 -37.24 -19.69 -2.73
C GLU C 179 -36.34 -18.46 -2.57
N SER C 180 -35.54 -18.46 -1.51
CA SER C 180 -34.65 -17.35 -1.27
C SER C 180 -33.29 -17.90 -0.79
N PRO C 181 -32.18 -17.19 -1.07
CA PRO C 181 -30.94 -17.70 -0.47
C PRO C 181 -30.85 -17.37 1.03
N ILE C 182 -31.62 -18.03 1.89
CA ILE C 182 -31.81 -17.50 3.27
C ILE C 182 -30.49 -17.32 4.07
N PHE C 183 -29.49 -18.12 3.72
CA PHE C 183 -28.24 -18.15 4.53
C PHE C 183 -27.30 -16.97 4.15
N TRP C 184 -27.70 -16.15 3.16
CA TRP C 184 -26.98 -14.91 2.81
C TRP C 184 -27.76 -13.69 3.22
N TYR C 185 -29.02 -13.85 3.62
CA TYR C 185 -29.92 -12.75 4.00
C TYR C 185 -29.71 -12.07 5.38
N ALA C 186 -29.75 -10.74 5.36
CA ALA C 186 -29.92 -9.93 6.58
C ALA C 186 -31.20 -10.29 7.37
N PRO C 187 -31.18 -10.19 8.71
CA PRO C 187 -32.35 -10.53 9.55
C PRO C 187 -33.65 -9.80 9.16
N GLU C 188 -33.56 -8.53 8.83
CA GLU C 188 -34.76 -7.74 8.45
C GLU C 188 -35.28 -8.18 7.08
N SER C 189 -34.44 -8.84 6.27
CA SER C 189 -34.85 -9.42 4.99
C SER C 189 -35.60 -10.74 5.25
N LEU C 190 -35.14 -11.48 6.25
CA LEU C 190 -35.86 -12.65 6.70
C LEU C 190 -37.21 -12.32 7.39
N THR C 191 -37.18 -11.36 8.27
CA THR C 191 -38.34 -10.99 9.08
C THR C 191 -39.36 -10.08 8.39
N GLU C 192 -38.92 -9.18 7.52
CA GLU C 192 -39.79 -8.11 7.01
C GLU C 192 -39.70 -7.95 5.52
N SER C 193 -39.08 -8.95 4.87
CA SER C 193 -38.54 -8.94 3.49
C SER C 193 -38.17 -7.56 2.96
N LYS C 194 -37.40 -6.83 3.76
CA LYS C 194 -36.89 -5.52 3.41
C LYS C 194 -35.49 -5.73 2.87
N PHE C 195 -35.24 -5.18 1.67
CA PHE C 195 -33.95 -5.21 0.98
C PHE C 195 -33.49 -3.76 0.77
N SER C 196 -32.19 -3.54 1.01
CA SER C 196 -31.60 -2.21 1.09
C SER C 196 -30.10 -2.29 0.81
N VAL C 197 -29.44 -1.15 0.60
CA VAL C 197 -28.00 -1.19 0.55
C VAL C 197 -27.42 -1.83 1.82
N ALA C 198 -28.00 -1.45 2.96
CA ALA C 198 -27.60 -2.13 4.21
C ALA C 198 -27.69 -3.66 4.20
N SER C 199 -28.79 -4.24 3.66
CA SER C 199 -28.90 -5.69 3.49
C SER C 199 -27.86 -6.20 2.51
N ASP C 200 -27.50 -5.42 1.46
CA ASP C 200 -26.48 -5.97 0.50
C ASP C 200 -25.14 -6.01 1.27
N VAL C 201 -24.98 -5.07 2.18
CA VAL C 201 -23.71 -5.02 3.01
C VAL C 201 -23.62 -6.25 3.94
N TRP C 202 -24.75 -6.65 4.51
CA TRP C 202 -24.83 -7.93 5.22
C TRP C 202 -24.39 -9.11 4.35
N SER C 203 -25.03 -9.27 3.18
CA SER C 203 -24.69 -10.33 2.23
C SER C 203 -23.24 -10.30 1.79
N PHE C 204 -22.73 -9.11 1.52
CA PHE C 204 -21.27 -8.86 1.28
C PHE C 204 -20.37 -9.46 2.40
N GLY C 205 -20.82 -9.34 3.64
CA GLY C 205 -20.09 -9.95 4.82
C GLY C 205 -20.05 -11.44 4.60
N VAL C 206 -21.16 -12.00 4.13
CA VAL C 206 -21.20 -13.45 3.81
C VAL C 206 -20.25 -13.84 2.65
N VAL C 207 -20.19 -13.03 1.62
CA VAL C 207 -19.25 -13.28 0.52
C VAL C 207 -17.77 -13.25 1.00
N LEU C 208 -17.46 -12.31 1.89
CA LEU C 208 -16.13 -12.17 2.56
C LEU C 208 -15.78 -13.43 3.34
N TYR C 209 -16.72 -13.92 4.14
CA TYR C 209 -16.68 -15.26 4.76
C TYR C 209 -16.44 -16.39 3.75
N GLU C 210 -17.31 -16.48 2.70
CA GLU C 210 -17.09 -17.45 1.62
C GLU C 210 -15.61 -17.43 1.07
N LEU C 211 -15.10 -16.25 0.71
CA LEU C 211 -13.73 -16.14 0.18
C LEU C 211 -12.68 -16.69 1.18
N PHE C 212 -12.77 -16.31 2.46
CA PHE C 212 -11.76 -16.81 3.44
C PHE C 212 -11.90 -18.31 3.80
N THR C 213 -13.01 -18.95 3.44
CA THR C 213 -13.13 -20.42 3.57
C THR C 213 -12.52 -21.15 2.40
N TYR C 214 -12.22 -20.43 1.33
CA TYR C 214 -11.75 -21.04 0.10
C TYR C 214 -12.76 -22.06 -0.49
N ILE C 215 -14.05 -21.88 -0.16
CA ILE C 215 -15.14 -22.71 -0.64
C ILE C 215 -14.97 -24.16 -0.17
N GLU C 216 -14.35 -24.36 1.00
CA GLU C 216 -14.23 -25.73 1.58
C GLU C 216 -15.61 -26.21 1.98
N LYS C 217 -15.98 -27.42 1.53
CA LYS C 217 -17.41 -27.78 1.47
C LYS C 217 -18.13 -27.75 2.81
N SER C 218 -17.48 -28.34 3.82
CA SER C 218 -18.04 -28.40 5.16
C SER C 218 -18.19 -27.01 5.75
N LYS C 219 -17.62 -25.99 5.09
CA LYS C 219 -17.58 -24.63 5.65
C LYS C 219 -18.55 -23.62 4.94
N SER C 220 -19.40 -24.12 4.07
CA SER C 220 -20.30 -23.20 3.36
C SER C 220 -21.28 -22.60 4.33
N PRO C 221 -21.78 -21.40 4.00
CA PRO C 221 -22.80 -20.82 4.91
C PRO C 221 -24.01 -21.73 5.23
N PRO C 222 -24.63 -22.40 4.22
CA PRO C 222 -25.67 -23.37 4.58
C PRO C 222 -25.21 -24.53 5.49
N ALA C 223 -24.02 -25.10 5.25
CA ALA C 223 -23.42 -26.16 6.11
C ALA C 223 -23.26 -25.72 7.55
N GLU C 224 -22.64 -24.55 7.74
CA GLU C 224 -22.39 -23.98 9.07
C GLU C 224 -23.68 -23.67 9.84
N PHE C 225 -24.60 -22.92 9.19
CA PHE C 225 -25.89 -22.58 9.79
C PHE C 225 -26.71 -23.80 10.13
N MET C 226 -26.74 -24.79 9.24
CA MET C 226 -27.55 -25.99 9.50
C MET C 226 -26.93 -26.82 10.67
N ARG C 227 -25.62 -26.78 10.81
CA ARG C 227 -24.89 -27.41 11.91
C ARG C 227 -25.30 -26.72 13.21
N MET C 228 -25.30 -25.38 13.20
CA MET C 228 -25.73 -24.59 14.38
C MET C 228 -27.20 -24.74 14.79
N ILE C 229 -28.12 -24.77 13.83
CA ILE C 229 -29.51 -24.95 14.19
C ILE C 229 -29.96 -26.41 14.38
N GLY C 230 -29.27 -27.32 13.71
CA GLY C 230 -29.64 -28.74 13.75
C GLY C 230 -29.94 -29.25 12.35
N ASN C 231 -29.13 -30.19 11.89
CA ASN C 231 -29.21 -30.37 10.46
C ASN C 231 -30.31 -31.29 9.89
N ASP C 232 -31.10 -31.92 10.74
CA ASP C 232 -32.35 -32.53 10.27
C ASP C 232 -33.37 -31.91 11.15
N LYS C 233 -34.38 -31.34 10.49
CA LYS C 233 -34.88 -29.95 10.73
C LYS C 233 -35.16 -29.42 9.33
N GLN C 234 -36.41 -29.13 9.07
CA GLN C 234 -36.85 -29.01 7.70
C GLN C 234 -37.86 -27.92 7.67
N GLY C 235 -38.07 -27.37 6.46
CA GLY C 235 -39.13 -26.39 6.22
C GLY C 235 -38.94 -25.07 6.92
N GLN C 236 -40.08 -24.49 7.29
CA GLN C 236 -40.15 -23.23 8.02
C GLN C 236 -39.37 -23.20 9.34
N MET C 237 -39.16 -24.36 9.93
CA MET C 237 -38.54 -24.45 11.23
C MET C 237 -37.06 -24.02 11.09
N ILE C 238 -36.45 -24.32 9.94
CA ILE C 238 -35.10 -23.77 9.65
C ILE C 238 -35.06 -22.24 9.74
N VAL C 239 -36.08 -21.61 9.16
CA VAL C 239 -36.15 -20.15 9.13
C VAL C 239 -36.45 -19.59 10.54
N PHE C 240 -37.36 -20.22 11.28
CA PHE C 240 -37.65 -19.76 12.64
C PHE C 240 -36.33 -19.77 13.48
N HIS C 241 -35.55 -20.84 13.35
CA HIS C 241 -34.31 -20.99 14.15
C HIS C 241 -33.23 -20.05 13.72
N LEU C 242 -33.17 -19.79 12.41
CA LEU C 242 -32.15 -18.93 11.87
C LEU C 242 -32.40 -17.51 12.36
N ILE C 243 -33.65 -17.08 12.35
CA ILE C 243 -33.99 -15.73 12.81
C ILE C 243 -33.65 -15.56 14.33
N GLU C 244 -34.03 -16.55 15.18
CA GLU C 244 -33.69 -16.51 16.60
C GLU C 244 -32.16 -16.47 16.79
N LEU C 245 -31.44 -17.30 16.03
CA LEU C 245 -29.94 -17.44 16.10
C LEU C 245 -29.27 -16.10 15.75
N LEU C 246 -29.68 -15.52 14.61
CA LEU C 246 -29.20 -14.19 14.19
C LEU C 246 -29.50 -13.01 15.14
N LYS C 247 -30.71 -12.96 15.65
CA LYS C 247 -31.14 -11.92 16.50
C LYS C 247 -30.31 -11.87 17.80
N ASN C 248 -29.83 -13.03 18.27
CA ASN C 248 -28.94 -13.05 19.46
C ASN C 248 -27.46 -13.41 19.17
N ASN C 249 -26.99 -12.93 18.01
CA ASN C 249 -25.59 -12.86 17.71
C ASN C 249 -24.96 -14.18 17.37
N GLY C 250 -25.74 -15.19 16.98
CA GLY C 250 -25.13 -16.39 16.45
C GLY C 250 -24.64 -15.98 15.04
N ARG C 251 -23.46 -16.45 14.65
CA ARG C 251 -22.76 -15.92 13.45
C ARG C 251 -21.96 -17.06 12.95
N LEU C 252 -21.67 -17.01 11.64
CA LEU C 252 -20.74 -17.89 10.99
C LEU C 252 -19.41 -17.77 11.72
N PRO C 253 -18.67 -18.90 11.89
CA PRO C 253 -17.42 -18.84 12.69
C PRO C 253 -16.29 -18.17 11.88
N ARG C 254 -15.23 -17.73 12.56
CA ARG C 254 -14.03 -17.25 11.85
C ARG C 254 -13.45 -18.44 11.04
N PRO C 255 -13.24 -18.29 9.69
CA PRO C 255 -12.67 -19.43 8.97
C PRO C 255 -11.27 -19.75 9.53
N ASP C 256 -10.83 -20.99 9.37
CA ASP C 256 -9.47 -21.35 9.82
C ASP C 256 -8.47 -20.58 8.94
N GLY C 257 -7.50 -19.95 9.60
CA GLY C 257 -6.47 -19.17 8.92
C GLY C 257 -6.86 -17.70 8.67
N CYS C 258 -8.10 -17.33 8.98
CA CYS C 258 -8.55 -15.97 8.69
C CYS C 258 -8.06 -15.04 9.78
N PRO C 259 -7.38 -13.94 9.39
CA PRO C 259 -6.93 -13.00 10.43
C PRO C 259 -8.11 -12.41 11.17
N ASP C 260 -7.89 -12.08 12.45
CA ASP C 260 -8.93 -11.43 13.25
C ASP C 260 -9.45 -10.13 12.63
N GLU C 261 -8.54 -9.32 12.08
CA GLU C 261 -9.03 -8.06 11.47
C GLU C 261 -10.12 -8.32 10.36
N ILE C 262 -9.91 -9.33 9.53
CA ILE C 262 -10.85 -9.65 8.45
C ILE C 262 -12.15 -10.21 9.03
N TYR C 263 -12.06 -11.11 10.04
CA TYR C 263 -13.25 -11.51 10.76
C TYR C 263 -14.07 -10.33 11.35
N MET C 264 -13.41 -9.36 11.97
CA MET C 264 -14.02 -8.13 12.47
C MET C 264 -14.84 -7.38 11.39
N ILE C 265 -14.26 -7.18 10.21
CA ILE C 265 -14.97 -6.61 9.05
C ILE C 265 -16.24 -7.40 8.74
N MET C 266 -16.15 -8.73 8.63
CA MET C 266 -17.39 -9.55 8.53
C MET C 266 -18.43 -9.28 9.61
N THR C 267 -18.02 -9.31 10.90
CA THR C 267 -18.92 -9.08 12.03
C THR C 267 -19.54 -7.70 12.04
N GLU C 268 -18.82 -6.68 11.57
CA GLU C 268 -19.39 -5.34 11.38
C GLU C 268 -20.46 -5.26 10.26
N CYS C 269 -20.24 -6.02 9.18
CA CYS C 269 -21.26 -6.17 8.11
C CYS C 269 -22.49 -6.85 8.69
N TRP C 270 -22.23 -7.84 9.56
CA TRP C 270 -23.33 -8.60 10.22
C TRP C 270 -23.91 -7.94 11.48
N ASN C 271 -24.17 -6.63 11.41
CA ASN C 271 -24.79 -5.90 12.50
C ASN C 271 -26.29 -5.99 12.42
N ASN C 272 -26.98 -6.43 13.46
CA ASN C 272 -28.46 -6.40 13.49
C ASN C 272 -29.03 -5.00 13.35
N ASN C 273 -28.26 -3.98 13.76
CA ASN C 273 -28.66 -2.56 13.55
C ASN C 273 -28.28 -2.16 12.14
N VAL C 274 -29.26 -2.14 11.25
CA VAL C 274 -29.05 -1.71 9.85
C VAL C 274 -28.23 -0.40 9.69
N ASN C 275 -28.57 0.61 10.47
CA ASN C 275 -27.88 1.90 10.47
C ASN C 275 -26.44 1.97 11.01
N GLN C 276 -25.96 0.89 11.58
CA GLN C 276 -24.54 0.77 12.04
C GLN C 276 -23.67 -0.13 11.13
N ARG C 277 -24.26 -0.74 10.12
CA ARG C 277 -23.46 -1.43 9.09
C ARG C 277 -22.59 -0.45 8.28
N PRO C 278 -21.35 -0.85 7.94
CA PRO C 278 -20.53 0.11 7.22
C PRO C 278 -21.06 0.36 5.80
N SER C 279 -20.56 1.42 5.17
CA SER C 279 -20.88 1.68 3.76
C SER C 279 -19.94 0.88 2.87
N PHE C 280 -20.42 0.56 1.69
CA PHE C 280 -19.49 0.04 0.67
C PHE C 280 -18.20 0.89 0.42
N ARG C 281 -18.32 2.22 0.44
CA ARG C 281 -17.13 3.09 0.27
C ARG C 281 -16.13 2.90 1.46
N ASP C 282 -16.64 2.89 2.65
CA ASP C 282 -15.72 2.69 3.78
C ASP C 282 -15.11 1.31 3.87
N LEU C 283 -15.90 0.26 3.59
CA LEU C 283 -15.39 -1.12 3.30
C LEU C 283 -14.26 -1.20 2.25
N ALA C 284 -14.48 -0.63 1.05
CA ALA C 284 -13.43 -0.54 0.03
C ALA C 284 -12.14 0.19 0.46
N LEU C 285 -12.24 1.38 1.02
CA LEU C 285 -11.03 2.00 1.60
C LEU C 285 -10.34 1.13 2.68
N ARG C 286 -11.09 0.67 3.70
CA ARG C 286 -10.50 -0.18 4.75
C ARG C 286 -9.73 -1.35 4.19
N VAL C 287 -10.39 -2.08 3.27
CA VAL C 287 -9.81 -3.24 2.60
C VAL C 287 -8.55 -2.93 1.77
N ASP C 288 -8.59 -1.85 0.98
CA ASP C 288 -7.40 -1.48 0.24
C ASP C 288 -6.32 -0.91 1.15
N GLN C 289 -6.71 -0.35 2.28
CA GLN C 289 -5.67 0.14 3.18
C GLN C 289 -5.03 -1.05 3.91
N ILE C 290 -5.78 -2.10 4.14
CA ILE C 290 -5.16 -3.36 4.56
C ILE C 290 -4.19 -3.91 3.50
N ARG C 291 -4.63 -3.99 2.24
CA ARG C 291 -3.74 -4.45 1.16
C ARG C 291 -2.38 -3.67 1.18
N ASP C 292 -2.28 -2.34 1.44
CA ASP C 292 -1.07 -1.95 2.40
C ASP C 292 -1.44 -1.53 3.83
N PRO D 5 2.64 51.68 -22.96
CA PRO D 5 1.57 52.01 -21.99
C PRO D 5 1.26 50.88 -20.96
N THR D 6 2.02 49.79 -21.03
CA THR D 6 1.94 48.70 -20.05
C THR D 6 2.92 48.82 -18.83
N GLN D 7 3.53 50.00 -18.69
CA GLN D 7 4.34 50.34 -17.52
C GLN D 7 3.70 51.45 -16.71
N PHE D 8 3.42 51.11 -15.45
CA PHE D 8 2.71 51.99 -14.55
C PHE D 8 3.70 52.42 -13.46
N GLU D 9 3.73 53.72 -13.16
CA GLU D 9 4.65 54.28 -12.18
C GLU D 9 4.05 54.14 -10.80
N GLU D 10 4.79 53.50 -9.89
CA GLU D 10 4.28 53.28 -8.52
C GLU D 10 3.83 54.56 -7.80
N ARG D 11 4.48 55.70 -8.09
CA ARG D 11 4.14 56.96 -7.40
C ARG D 11 2.70 57.46 -7.67
N HIS D 12 2.10 57.00 -8.77
CA HIS D 12 0.76 57.45 -9.22
C HIS D 12 -0.30 56.38 -9.06
N LEU D 13 0.10 55.23 -8.53
CA LEU D 13 -0.82 54.10 -8.30
C LEU D 13 -1.30 54.14 -6.85
N LYS D 14 -2.56 54.52 -6.68
CA LYS D 14 -3.10 54.78 -5.36
C LYS D 14 -4.15 53.76 -4.93
N PHE D 15 -3.99 53.22 -3.72
CA PHE D 15 -4.89 52.21 -3.18
C PHE D 15 -6.30 52.74 -2.94
N LEU D 16 -7.30 51.96 -3.33
CA LEU D 16 -8.71 52.31 -3.12
C LEU D 16 -9.37 51.30 -2.19
N GLN D 17 -9.22 50.01 -2.49
CA GLN D 17 -10.02 48.96 -1.86
C GLN D 17 -9.40 47.57 -1.98
N GLN D 18 -9.53 46.74 -0.94
CA GLN D 18 -9.24 45.28 -1.05
C GLN D 18 -10.27 44.55 -1.92
N LEU D 19 -9.84 43.63 -2.76
CA LEU D 19 -10.83 42.95 -3.61
C LEU D 19 -10.82 41.46 -3.36
N GLY D 20 -9.69 40.97 -2.83
CA GLY D 20 -9.49 39.56 -2.66
C GLY D 20 -8.12 39.35 -2.08
N LYS D 21 -7.97 38.37 -1.20
CA LYS D 21 -6.71 38.12 -0.45
C LYS D 21 -6.70 36.68 -0.01
N GLY D 22 -5.58 36.02 -0.24
CA GLY D 22 -5.40 34.64 0.19
C GLY D 22 -4.02 34.58 0.84
N ASN D 23 -3.51 33.39 1.08
CA ASN D 23 -2.22 33.26 1.74
C ASN D 23 -1.07 33.73 0.85
N PHE D 24 -1.27 33.68 -0.45
CA PHE D 24 -0.20 34.02 -1.34
C PHE D 24 -0.29 35.14 -2.38
N GLY D 25 -1.49 35.72 -2.47
CA GLY D 25 -1.75 36.81 -3.38
C GLY D 25 -2.81 37.71 -2.76
N SER D 26 -2.86 38.93 -3.27
CA SER D 26 -3.85 39.92 -2.96
C SER D 26 -4.22 40.71 -4.21
N VAL D 27 -5.48 41.13 -4.31
CA VAL D 27 -5.89 42.05 -5.35
C VAL D 27 -6.55 43.24 -4.72
N GLU D 28 -6.22 44.43 -5.24
CA GLU D 28 -6.72 45.69 -4.73
C GLU D 28 -7.29 46.54 -5.84
N MET D 29 -8.39 47.24 -5.59
CA MET D 29 -8.82 48.29 -6.47
C MET D 29 -7.89 49.48 -6.27
N CYS D 30 -7.41 50.06 -7.36
CA CYS D 30 -6.53 51.22 -7.30
C CYS D 30 -6.89 52.25 -8.33
N ARG D 31 -6.36 53.44 -8.15
CA ARG D 31 -6.50 54.55 -9.07
C ARG D 31 -5.16 54.94 -9.66
N TYR D 32 -5.11 55.10 -10.99
CA TYR D 32 -3.90 55.56 -11.61
C TYR D 32 -4.01 56.97 -12.19
N ASP D 33 -3.43 57.97 -11.51
CA ASP D 33 -3.51 59.34 -12.01
C ASP D 33 -2.14 59.95 -12.28
N PRO D 34 -1.59 59.72 -13.47
CA PRO D 34 -0.29 60.36 -13.71
C PRO D 34 -0.43 61.91 -13.84
N LEU D 35 -1.59 62.37 -14.31
CA LEU D 35 -1.85 63.80 -14.45
C LEU D 35 -2.18 64.43 -13.12
N GLN D 36 -2.30 63.59 -12.10
CA GLN D 36 -2.47 64.00 -10.69
C GLN D 36 -3.49 65.10 -10.67
N ASP D 37 -4.73 64.74 -10.36
CA ASP D 37 -5.89 65.26 -11.08
C ASP D 37 -7.03 64.50 -10.41
N ASN D 38 -8.12 64.23 -11.15
CA ASN D 38 -9.00 63.09 -10.76
C ASN D 38 -9.55 62.23 -11.90
N THR D 39 -9.35 62.69 -13.14
CA THR D 39 -9.83 61.97 -14.33
C THR D 39 -9.21 60.56 -14.45
N GLY D 40 -8.29 60.23 -13.54
CA GLY D 40 -7.52 58.97 -13.61
C GLY D 40 -8.36 57.70 -13.71
N GLU D 41 -7.73 56.66 -14.26
CA GLU D 41 -8.36 55.36 -14.55
C GLU D 41 -8.32 54.43 -13.34
N VAL D 42 -9.45 53.78 -13.03
CA VAL D 42 -9.53 52.81 -11.92
C VAL D 42 -9.12 51.42 -12.44
N VAL D 43 -8.20 50.76 -11.72
CA VAL D 43 -7.62 49.46 -12.14
C VAL D 43 -7.66 48.46 -10.99
N ALA D 44 -7.36 47.18 -11.27
CA ALA D 44 -7.19 46.14 -10.26
C ALA D 44 -5.73 45.75 -10.30
N VAL D 45 -5.15 45.57 -9.10
CA VAL D 45 -3.74 45.35 -8.96
C VAL D 45 -3.50 44.07 -8.21
N LYS D 46 -2.83 43.11 -8.84
CA LYS D 46 -2.48 41.88 -8.11
C LYS D 46 -1.02 41.98 -7.69
N LYS D 47 -0.77 41.60 -6.43
CA LYS D 47 0.51 41.60 -5.72
C LYS D 47 0.63 40.28 -5.02
N LEU D 48 1.84 39.81 -4.83
CA LEU D 48 1.99 38.60 -4.02
C LEU D 48 1.83 38.94 -2.54
N GLN D 49 1.69 37.91 -1.72
CA GLN D 49 1.65 38.03 -0.25
C GLN D 49 2.59 36.94 0.20
N HIS D 50 3.28 37.10 1.34
CA HIS D 50 4.28 36.08 1.73
C HIS D 50 5.15 35.57 0.61
N SER D 51 5.68 36.48 -0.21
CA SER D 51 6.48 36.24 -1.42
C SER D 51 7.75 35.45 -1.13
N THR D 52 8.11 34.57 -2.09
CA THR D 52 9.40 33.86 -2.14
C THR D 52 9.95 33.99 -3.56
N GLU D 53 11.22 33.65 -3.70
CA GLU D 53 11.88 33.61 -4.98
C GLU D 53 11.18 32.72 -6.00
N GLU D 54 10.77 31.51 -5.61
CA GLU D 54 10.01 30.63 -6.51
C GLU D 54 8.61 31.17 -6.87
N HIS D 55 7.93 31.77 -5.89
CA HIS D 55 6.62 32.38 -6.13
C HIS D 55 6.73 33.58 -7.08
N LEU D 56 7.83 34.35 -6.99
CA LEU D 56 8.10 35.48 -7.88
C LEU D 56 8.28 35.05 -9.37
N ARG D 57 9.01 33.93 -9.56
CA ARG D 57 9.17 33.26 -10.83
C ARG D 57 7.82 32.75 -11.36
N ASP D 58 7.04 32.11 -10.50
CA ASP D 58 5.68 31.76 -10.90
C ASP D 58 4.81 32.96 -11.29
N PHE D 59 4.93 34.08 -10.55
CA PHE D 59 4.11 35.28 -10.77
C PHE D 59 4.45 35.86 -12.17
N GLU D 60 5.73 35.87 -12.49
CA GLU D 60 6.25 36.34 -13.77
C GLU D 60 5.59 35.58 -14.90
N ARG D 61 5.49 34.26 -14.75
CA ARG D 61 4.84 33.40 -15.75
C ARG D 61 3.33 33.68 -15.84
N GLU D 62 2.67 33.84 -14.67
CA GLU D 62 1.23 34.24 -14.61
C GLU D 62 0.93 35.59 -15.34
N ILE D 63 1.85 36.53 -15.19
CA ILE D 63 1.75 37.81 -15.86
C ILE D 63 1.89 37.67 -17.39
N GLU D 64 2.83 36.83 -17.83
CA GLU D 64 3.04 36.58 -19.24
C GLU D 64 1.83 35.85 -19.81
N ILE D 65 1.29 34.91 -19.05
CA ILE D 65 0.09 34.20 -19.49
C ILE D 65 -1.06 35.22 -19.72
N LEU D 66 -1.39 36.05 -18.74
CA LEU D 66 -2.50 36.98 -18.91
C LEU D 66 -2.28 37.95 -20.07
N LYS D 67 -1.06 38.51 -20.13
CA LYS D 67 -0.62 39.38 -21.25
C LYS D 67 -0.86 38.76 -22.63
N SER D 68 -0.64 37.43 -22.70
CA SER D 68 -0.85 36.68 -23.92
C SER D 68 -2.32 36.47 -24.31
N LEU D 69 -3.24 36.74 -23.38
CA LEU D 69 -4.66 36.52 -23.64
C LEU D 69 -5.38 37.81 -24.05
N GLN D 70 -6.12 37.75 -25.16
CA GLN D 70 -7.00 38.82 -25.54
C GLN D 70 -8.35 38.28 -25.99
N HIS D 71 -9.34 38.37 -25.13
CA HIS D 71 -10.65 37.74 -25.35
C HIS D 71 -11.70 38.49 -24.51
N ASP D 72 -12.91 38.57 -25.06
CA ASP D 72 -14.07 39.17 -24.37
C ASP D 72 -14.42 38.55 -23.04
N ASN D 73 -14.14 37.26 -22.86
CA ASN D 73 -14.44 36.62 -21.57
C ASN D 73 -13.19 36.26 -20.73
N ILE D 74 -12.17 37.08 -20.86
CA ILE D 74 -10.93 36.96 -20.04
C ILE D 74 -10.60 38.38 -19.53
N VAL D 75 -10.42 38.52 -18.21
CA VAL D 75 -9.98 39.80 -17.66
C VAL D 75 -8.83 40.49 -18.46
N LYS D 76 -8.99 41.78 -18.79
CA LYS D 76 -7.98 42.52 -19.61
C LYS D 76 -6.74 42.86 -18.85
N TYR D 77 -5.61 42.40 -19.37
CA TYR D 77 -4.27 42.79 -18.84
C TYR D 77 -4.02 44.26 -19.21
N LYS D 78 -3.44 45.06 -18.32
CA LYS D 78 -3.13 46.45 -18.65
C LYS D 78 -1.63 46.64 -18.64
N GLY D 79 -0.96 46.06 -17.64
CA GLY D 79 0.44 46.36 -17.56
C GLY D 79 1.07 45.77 -16.31
N VAL D 80 2.31 46.17 -16.05
CA VAL D 80 3.01 45.78 -14.78
C VAL D 80 3.54 47.04 -14.07
N CYS D 81 3.57 47.03 -12.74
CA CYS D 81 4.19 48.12 -11.99
C CYS D 81 5.43 47.48 -11.32
N TYR D 82 6.58 48.02 -11.69
CA TYR D 82 7.82 47.55 -11.08
C TYR D 82 8.07 48.39 -9.83
N SER D 83 7.40 47.99 -8.72
CA SER D 83 7.30 48.81 -7.53
C SER D 83 8.52 48.53 -6.60
N ALA D 84 8.52 49.16 -5.42
CA ALA D 84 9.72 49.20 -4.47
C ALA D 84 10.99 49.65 -5.23
N GLY D 85 10.82 50.74 -5.99
CA GLY D 85 11.92 51.31 -6.82
C GLY D 85 12.52 50.27 -7.77
N ARG D 86 11.62 49.57 -8.47
CA ARG D 86 11.97 48.54 -9.46
C ARG D 86 12.65 47.27 -8.88
N ARG D 87 12.36 46.95 -7.62
CA ARG D 87 12.88 45.73 -7.00
C ARG D 87 11.70 44.83 -6.57
N ASN D 88 10.54 45.08 -7.15
CA ASN D 88 9.36 44.20 -6.94
C ASN D 88 8.40 44.31 -8.14
N LEU D 89 7.37 43.45 -8.19
CA LEU D 89 6.46 43.36 -9.35
C LEU D 89 5.00 43.31 -8.88
N LYS D 90 4.10 44.07 -9.53
CA LYS D 90 2.67 44.03 -9.29
C LYS D 90 2.01 43.99 -10.70
N LEU D 91 0.84 43.34 -10.80
CA LEU D 91 0.19 43.12 -12.11
C LEU D 91 -0.99 44.06 -12.23
N ILE D 92 -1.14 44.76 -13.34
CA ILE D 92 -2.25 45.75 -13.45
C ILE D 92 -3.29 45.18 -14.46
N MET D 93 -4.55 45.16 -14.05
CA MET D 93 -5.60 44.56 -14.86
C MET D 93 -6.70 45.61 -14.94
N GLU D 94 -7.66 45.46 -15.87
CA GLU D 94 -8.90 46.29 -15.82
C GLU D 94 -9.67 46.00 -14.52
N TYR D 95 -10.48 46.97 -14.08
CA TYR D 95 -11.32 46.77 -12.92
C TYR D 95 -12.74 46.43 -13.35
N LEU D 96 -13.28 45.35 -12.85
CA LEU D 96 -14.66 44.87 -13.17
C LEU D 96 -15.53 45.09 -11.93
N PRO D 97 -16.57 45.96 -12.04
CA PRO D 97 -17.18 46.53 -10.84
C PRO D 97 -18.02 45.58 -10.04
N TYR D 98 -18.46 44.48 -10.66
CA TYR D 98 -19.49 43.67 -10.03
C TYR D 98 -18.99 42.44 -9.28
N GLY D 99 -17.67 42.29 -9.15
CA GLY D 99 -17.11 41.31 -8.23
C GLY D 99 -17.15 39.91 -8.85
N SER D 100 -17.18 38.89 -7.99
CA SER D 100 -17.06 37.56 -8.48
C SER D 100 -18.45 37.11 -8.88
N LEU D 101 -18.52 36.19 -9.82
CA LEU D 101 -19.84 35.67 -10.20
C LEU D 101 -20.48 34.96 -8.98
N ARG D 102 -19.65 34.38 -8.12
CA ARG D 102 -20.17 33.72 -6.95
C ARG D 102 -20.96 34.73 -6.08
N ASP D 103 -20.39 35.91 -5.83
CA ASP D 103 -21.05 36.89 -4.95
C ASP D 103 -22.22 37.61 -5.67
N TYR D 104 -22.08 37.76 -6.97
CA TYR D 104 -23.04 38.47 -7.80
C TYR D 104 -24.34 37.63 -7.84
N LEU D 105 -24.16 36.33 -7.98
CA LEU D 105 -25.26 35.38 -7.98
C LEU D 105 -26.09 35.38 -6.72
N GLN D 106 -25.45 35.44 -5.56
CA GLN D 106 -26.15 35.60 -4.26
C GLN D 106 -26.87 36.92 -4.08
N LYS D 107 -26.23 38.00 -4.53
CA LYS D 107 -26.78 39.36 -4.33
C LYS D 107 -27.88 39.72 -5.35
N HIS D 108 -27.91 39.06 -6.50
CA HIS D 108 -28.75 39.57 -7.62
C HIS D 108 -29.61 38.48 -8.21
N LYS D 109 -29.90 37.46 -7.41
CA LYS D 109 -30.77 36.31 -7.76
C LYS D 109 -32.07 36.68 -8.54
N GLU D 110 -32.64 37.81 -8.15
CA GLU D 110 -33.91 38.29 -8.65
C GLU D 110 -33.88 38.90 -10.06
N ARG D 111 -32.70 39.32 -10.51
CA ARG D 111 -32.52 39.54 -11.93
C ARG D 111 -31.75 38.37 -12.62
N ILE D 112 -31.68 37.22 -11.96
CA ILE D 112 -31.10 36.02 -12.59
C ILE D 112 -32.10 34.86 -12.62
N ASP D 113 -32.20 34.30 -13.80
CA ASP D 113 -33.05 33.15 -14.11
C ASP D 113 -32.18 32.26 -14.99
N HIS D 114 -32.79 31.20 -15.53
CA HIS D 114 -32.11 30.13 -16.26
C HIS D 114 -31.38 30.52 -17.49
N ILE D 115 -32.01 31.25 -18.41
CA ILE D 115 -31.34 31.72 -19.62
C ILE D 115 -30.08 32.58 -19.33
N LYS D 116 -30.16 33.38 -18.28
CA LYS D 116 -29.05 34.22 -17.81
C LYS D 116 -27.93 33.32 -17.20
N LEU D 117 -28.31 32.34 -16.38
CA LEU D 117 -27.31 31.29 -16.04
C LEU D 117 -26.61 30.67 -17.23
N LEU D 118 -27.35 30.34 -18.27
CA LEU D 118 -26.80 29.72 -19.49
C LEU D 118 -25.98 30.65 -20.39
N GLN D 119 -26.32 31.95 -20.32
CA GLN D 119 -25.52 32.97 -20.99
C GLN D 119 -24.14 33.08 -20.31
N TYR D 120 -24.13 33.12 -18.98
CA TYR D 120 -22.87 33.05 -18.25
C TYR D 120 -22.04 31.82 -18.59
N THR D 121 -22.69 30.63 -18.60
CA THR D 121 -22.09 29.32 -18.93
C THR D 121 -21.38 29.34 -20.28
N SER D 122 -22.10 29.86 -21.27
CA SER D 122 -21.65 29.98 -22.62
C SER D 122 -20.38 30.82 -22.76
N GLN D 123 -20.40 32.02 -22.16
CA GLN D 123 -19.23 32.92 -22.10
C GLN D 123 -18.02 32.33 -21.38
N ILE D 124 -18.25 31.63 -20.25
CA ILE D 124 -17.17 30.75 -19.65
C ILE D 124 -16.55 29.69 -20.61
N CYS D 125 -17.38 28.88 -21.30
CA CYS D 125 -16.88 27.95 -22.32
C CYS D 125 -16.04 28.57 -23.42
N LYS D 126 -16.49 29.73 -23.89
CA LYS D 126 -15.80 30.47 -24.92
C LYS D 126 -14.44 31.02 -24.47
N GLY D 127 -14.37 31.55 -23.26
CA GLY D 127 -13.02 31.90 -22.67
C GLY D 127 -12.15 30.67 -22.60
N MET D 128 -12.71 29.55 -22.12
CA MET D 128 -12.01 28.28 -22.06
C MET D 128 -11.62 27.71 -23.43
N GLU D 129 -12.48 27.77 -24.44
CA GLU D 129 -12.04 27.43 -25.82
C GLU D 129 -10.80 28.24 -26.18
N TYR D 130 -10.86 29.53 -25.94
CA TYR D 130 -9.72 30.38 -26.26
C TYR D 130 -8.45 29.96 -25.48
N LEU D 131 -8.57 29.72 -24.14
CA LEU D 131 -7.41 29.22 -23.39
C LEU D 131 -6.74 28.02 -24.01
N GLY D 132 -7.56 27.04 -24.40
CA GLY D 132 -7.14 25.84 -25.08
C GLY D 132 -6.30 26.04 -26.33
N THR D 133 -6.55 27.14 -27.10
CA THR D 133 -5.75 27.46 -28.30
C THR D 133 -4.34 27.94 -27.97
N LYS D 134 -4.14 28.30 -26.71
CA LYS D 134 -2.84 28.64 -26.19
C LYS D 134 -2.18 27.48 -25.44
N ARG D 135 -2.86 26.33 -25.35
CA ARG D 135 -2.36 25.16 -24.62
C ARG D 135 -2.15 25.46 -23.13
N TYR D 136 -2.97 26.38 -22.65
CA TYR D 136 -3.02 26.69 -21.25
C TYR D 136 -4.05 25.86 -20.52
N ILE D 137 -3.65 25.32 -19.38
CA ILE D 137 -4.57 24.56 -18.47
C ILE D 137 -4.87 25.48 -17.25
N HIS D 138 -6.15 25.77 -16.98
CA HIS D 138 -6.51 26.76 -15.97
C HIS D 138 -6.33 26.27 -14.52
N ARG D 139 -6.80 25.04 -14.25
CA ARG D 139 -6.62 24.35 -12.95
C ARG D 139 -7.40 24.92 -11.77
N ASN D 140 -8.20 25.98 -11.97
CA ASN D 140 -8.83 26.69 -10.85
C ASN D 140 -10.20 27.25 -11.21
N LEU D 141 -10.90 26.58 -12.12
CA LEU D 141 -12.19 27.08 -12.55
C LEU D 141 -13.21 26.91 -11.46
N ALA D 142 -13.86 28.02 -11.08
CA ALA D 142 -14.79 28.07 -9.94
C ALA D 142 -15.52 29.43 -10.04
N THR D 143 -16.76 29.51 -9.65
CA THR D 143 -17.51 30.79 -9.75
C THR D 143 -16.84 31.95 -9.02
N ARG D 144 -16.17 31.62 -7.91
CA ARG D 144 -15.39 32.63 -7.18
C ARG D 144 -14.23 33.28 -8.00
N ASN D 145 -13.85 32.64 -9.10
CA ASN D 145 -12.74 33.04 -9.98
C ASN D 145 -13.17 33.62 -11.33
N ILE D 146 -14.48 33.74 -11.50
CA ILE D 146 -15.07 34.36 -12.69
C ILE D 146 -15.57 35.74 -12.23
N LEU D 147 -15.42 36.75 -13.06
CA LEU D 147 -15.75 38.12 -12.61
C LEU D 147 -16.86 38.65 -13.51
N VAL D 148 -17.51 39.68 -13.01
CA VAL D 148 -18.74 40.22 -13.64
C VAL D 148 -18.47 41.66 -14.03
N GLU D 149 -18.36 41.84 -15.34
CA GLU D 149 -18.21 43.14 -15.97
C GLU D 149 -19.52 43.93 -15.92
N ASN D 150 -20.61 43.25 -16.32
CA ASN D 150 -21.96 43.79 -16.18
C ASN D 150 -22.97 42.62 -16.26
N GLU D 151 -24.28 42.90 -16.21
CA GLU D 151 -25.28 41.84 -16.24
C GLU D 151 -25.23 41.01 -17.55
N ASN D 152 -24.53 41.49 -18.56
CA ASN D 152 -24.39 40.76 -19.82
C ASN D 152 -23.03 40.16 -20.11
N ARG D 153 -22.07 40.31 -19.16
CA ARG D 153 -20.72 39.93 -19.45
C ARG D 153 -19.97 39.47 -18.23
N VAL D 154 -19.51 38.21 -18.32
CA VAL D 154 -18.58 37.60 -17.35
C VAL D 154 -17.22 37.28 -18.00
N LYS D 155 -16.18 37.17 -17.15
CA LYS D 155 -14.78 37.06 -17.58
C LYS D 155 -14.06 36.17 -16.59
N ILE D 156 -13.34 35.19 -17.12
CA ILE D 156 -12.39 34.40 -16.33
C ILE D 156 -11.32 35.33 -15.73
N GLY D 157 -11.20 35.28 -14.41
CA GLY D 157 -10.33 36.16 -13.68
C GLY D 157 -9.36 35.21 -13.02
N ASP D 158 -8.16 35.62 -12.84
CA ASP D 158 -7.25 34.70 -12.11
C ASP D 158 -6.66 33.42 -12.75
N PHE D 159 -5.39 33.58 -13.08
CA PHE D 159 -4.57 32.61 -13.76
C PHE D 159 -3.41 32.19 -12.90
N GLY D 160 -3.57 32.33 -11.60
CA GLY D 160 -2.52 31.95 -10.57
C GLY D 160 -2.10 30.51 -10.66
N LEU D 161 -3.05 29.65 -11.02
CA LEU D 161 -2.82 28.21 -11.09
C LEU D 161 -2.52 27.71 -12.47
N THR D 162 -2.54 28.60 -13.47
CA THR D 162 -2.56 28.16 -14.87
C THR D 162 -1.23 27.63 -15.35
N LYS D 163 -1.25 26.51 -16.08
CA LYS D 163 0.03 25.93 -16.52
C LYS D 163 -0.01 25.88 -18.04
N VAL D 164 1.16 25.85 -18.67
CA VAL D 164 1.22 25.61 -20.10
C VAL D 164 1.61 24.15 -20.32
N LEU D 165 0.90 23.46 -21.22
CA LEU D 165 1.23 22.10 -21.59
C LEU D 165 2.66 21.98 -22.17
N PRO D 166 3.37 20.87 -21.88
CA PRO D 166 4.65 20.62 -22.59
C PRO D 166 4.38 20.54 -24.09
N GLN D 167 5.41 20.62 -24.91
CA GLN D 167 5.22 20.62 -26.35
C GLN D 167 4.76 19.24 -26.81
N ASP D 168 5.17 18.22 -26.08
CA ASP D 168 5.01 16.85 -26.56
C ASP D 168 3.96 16.04 -25.75
N LYS D 169 3.20 16.70 -24.87
CA LYS D 169 2.18 16.04 -24.05
C LYS D 169 0.86 16.82 -23.98
N GLU D 170 -0.20 16.10 -23.65
CA GLU D 170 -1.55 16.66 -23.53
C GLU D 170 -2.00 16.79 -22.04
N TYR D 171 -1.03 16.61 -21.14
CA TYR D 171 -1.21 16.60 -19.69
C TYR D 171 -0.04 17.36 -19.09
N TYR D 172 -0.31 18.04 -17.99
CA TYR D 172 0.71 18.67 -17.15
C TYR D 172 0.67 17.98 -15.77
N LYS D 173 1.79 17.42 -15.31
CA LYS D 173 1.90 16.82 -13.98
C LYS D 173 2.43 17.81 -12.95
N VAL D 174 1.59 18.16 -11.97
CA VAL D 174 1.98 19.11 -10.95
C VAL D 174 2.07 18.37 -9.63
N LYS D 175 3.26 17.97 -9.19
CA LYS D 175 3.38 17.33 -7.84
C LYS D 175 2.65 18.07 -6.66
N GLU D 176 3.03 19.33 -6.42
CA GLU D 176 2.83 19.95 -5.09
C GLU D 176 1.48 20.58 -4.71
N PRO D 177 1.16 21.81 -5.23
CA PRO D 177 0.69 22.92 -4.40
C PRO D 177 0.55 22.67 -2.87
N GLY D 178 0.28 21.43 -2.49
CA GLY D 178 -0.14 21.12 -1.12
C GLY D 178 -1.63 21.41 -1.05
N GLU D 179 -1.96 22.66 -0.75
CA GLU D 179 -3.34 23.12 -0.68
C GLU D 179 -3.92 23.31 -2.10
N SER D 180 -5.00 22.60 -2.37
CA SER D 180 -5.63 22.57 -3.70
C SER D 180 -7.15 22.71 -3.59
N PRO D 181 -7.82 23.21 -4.63
CA PRO D 181 -9.29 23.19 -4.55
C PRO D 181 -9.89 21.82 -4.92
N ILE D 182 -9.78 20.88 -3.97
CA ILE D 182 -10.04 19.45 -4.22
C ILE D 182 -11.44 19.13 -4.64
N PHE D 183 -12.41 19.94 -4.21
CA PHE D 183 -13.81 19.62 -4.55
C PHE D 183 -14.18 20.06 -5.99
N TRP D 184 -13.25 20.70 -6.69
CA TRP D 184 -13.39 21.01 -8.15
C TRP D 184 -12.51 20.13 -9.02
N TYR D 185 -11.70 19.26 -8.38
CA TYR D 185 -10.75 18.44 -9.13
C TYR D 185 -11.33 17.20 -9.79
N ALA D 186 -10.83 16.93 -11.01
CA ALA D 186 -11.10 15.63 -11.68
C ALA D 186 -10.39 14.53 -10.88
N PRO D 187 -10.91 13.28 -10.92
CA PRO D 187 -10.30 12.15 -10.15
C PRO D 187 -8.82 11.99 -10.46
N GLU D 188 -8.42 12.06 -11.74
CA GLU D 188 -7.01 11.83 -12.12
C GLU D 188 -6.13 12.99 -11.67
N SER D 189 -6.72 14.17 -11.42
CA SER D 189 -5.96 15.25 -10.80
C SER D 189 -5.81 14.93 -9.29
N LEU D 190 -6.81 14.34 -8.67
CA LEU D 190 -6.64 13.99 -7.26
C LEU D 190 -5.62 12.84 -7.10
N THR D 191 -5.68 11.89 -8.05
CA THR D 191 -4.90 10.66 -7.95
C THR D 191 -3.52 10.72 -8.54
N GLU D 192 -3.34 11.53 -9.59
CA GLU D 192 -2.15 11.46 -10.41
C GLU D 192 -1.49 12.80 -10.53
N SER D 193 -2.12 13.84 -9.99
CA SER D 193 -1.70 15.22 -10.15
C SER D 193 -1.62 15.60 -11.64
N LYS D 194 -2.45 14.98 -12.47
CA LYS D 194 -2.46 15.28 -13.87
C LYS D 194 -3.56 16.24 -14.23
N PHE D 195 -3.16 17.25 -14.99
CA PHE D 195 -4.09 18.33 -15.35
C PHE D 195 -4.08 18.49 -16.87
N SER D 196 -5.25 18.80 -17.45
CA SER D 196 -5.39 18.79 -18.91
C SER D 196 -6.60 19.63 -19.27
N VAL D 197 -6.82 19.81 -20.57
CA VAL D 197 -8.11 20.40 -20.95
C VAL D 197 -9.33 19.59 -20.47
N ALA D 198 -9.24 18.26 -20.53
CA ALA D 198 -10.20 17.33 -19.94
C ALA D 198 -10.50 17.55 -18.45
N SER D 199 -9.49 17.82 -17.66
CA SER D 199 -9.75 18.13 -16.23
C SER D 199 -10.33 19.53 -16.03
N ASP D 200 -9.92 20.49 -16.84
CA ASP D 200 -10.65 21.79 -16.92
C ASP D 200 -12.14 21.61 -17.20
N VAL D 201 -12.46 20.69 -18.09
CA VAL D 201 -13.89 20.41 -18.47
C VAL D 201 -14.71 19.82 -17.27
N TRP D 202 -14.01 18.98 -16.49
CA TRP D 202 -14.57 18.38 -15.28
C TRP D 202 -14.93 19.52 -14.33
N SER D 203 -13.94 20.42 -14.11
CA SER D 203 -14.13 21.56 -13.19
C SER D 203 -15.24 22.52 -13.66
N PHE D 204 -15.29 22.75 -14.96
CA PHE D 204 -16.42 23.41 -15.64
C PHE D 204 -17.80 22.78 -15.29
N GLY D 205 -17.93 21.45 -15.34
CA GLY D 205 -19.17 20.78 -14.83
C GLY D 205 -19.58 21.25 -13.42
N VAL D 206 -18.58 21.35 -12.54
CA VAL D 206 -18.75 21.83 -11.19
C VAL D 206 -19.13 23.34 -11.15
N VAL D 207 -18.56 24.12 -12.07
CA VAL D 207 -18.95 25.53 -12.16
C VAL D 207 -20.45 25.66 -12.59
N LEU D 208 -20.87 24.80 -13.52
CA LEU D 208 -22.26 24.72 -14.00
C LEU D 208 -23.21 24.31 -12.84
N TYR D 209 -22.84 23.26 -12.14
CA TYR D 209 -23.45 22.96 -10.81
C TYR D 209 -23.56 24.19 -9.84
N GLU D 210 -22.48 24.92 -9.60
CA GLU D 210 -22.54 26.09 -8.74
C GLU D 210 -23.58 27.09 -9.24
N LEU D 211 -23.65 27.32 -10.56
CA LEU D 211 -24.57 28.32 -11.17
C LEU D 211 -26.03 28.04 -10.85
N PHE D 212 -26.40 26.78 -11.07
CA PHE D 212 -27.74 26.36 -10.85
C PHE D 212 -28.11 26.14 -9.40
N THR D 213 -27.12 26.15 -8.49
CA THR D 213 -27.42 26.20 -7.07
C THR D 213 -27.72 27.65 -6.65
N TYR D 214 -27.47 28.61 -7.55
CA TYR D 214 -27.50 30.06 -7.21
C TYR D 214 -26.78 30.39 -5.89
N ILE D 215 -25.75 29.61 -5.53
CA ILE D 215 -24.95 29.79 -4.29
C ILE D 215 -25.73 29.80 -2.94
N GLU D 216 -26.74 28.94 -2.83
CA GLU D 216 -27.31 28.59 -1.51
C GLU D 216 -26.23 27.86 -0.73
N LYS D 217 -25.87 28.41 0.43
CA LYS D 217 -24.65 28.02 1.17
C LYS D 217 -24.45 26.50 1.36
N SER D 218 -25.56 25.82 1.72
CA SER D 218 -25.54 24.42 2.07
C SER D 218 -25.55 23.51 0.81
N LYS D 219 -25.56 24.13 -0.37
CA LYS D 219 -25.49 23.41 -1.61
C LYS D 219 -24.13 23.55 -2.32
N SER D 220 -23.15 24.18 -1.69
CA SER D 220 -21.87 24.38 -2.34
C SER D 220 -21.22 22.99 -2.56
N PRO D 221 -20.27 22.88 -3.52
CA PRO D 221 -19.59 21.57 -3.64
C PRO D 221 -18.89 21.10 -2.34
N PRO D 222 -18.13 21.97 -1.62
CA PRO D 222 -17.57 21.42 -0.34
C PRO D 222 -18.62 20.91 0.69
N ALA D 223 -19.73 21.66 0.87
CA ALA D 223 -20.83 21.26 1.76
C ALA D 223 -21.48 19.94 1.37
N GLU D 224 -21.78 19.80 0.07
CA GLU D 224 -22.40 18.61 -0.48
C GLU D 224 -21.45 17.39 -0.38
N PHE D 225 -20.23 17.51 -0.90
CA PHE D 225 -19.27 16.43 -0.77
C PHE D 225 -18.97 16.05 0.70
N MET D 226 -18.84 17.04 1.59
CA MET D 226 -18.58 16.69 3.01
C MET D 226 -19.77 15.97 3.62
N ARG D 227 -20.98 16.35 3.20
CA ARG D 227 -22.20 15.65 3.64
C ARG D 227 -22.12 14.18 3.22
N MET D 228 -21.78 13.97 1.94
CA MET D 228 -21.66 12.63 1.37
C MET D 228 -20.57 11.80 2.02
N ILE D 229 -19.41 12.40 2.24
CA ILE D 229 -18.37 11.62 2.84
C ILE D 229 -18.48 11.43 4.39
N GLY D 230 -19.09 12.39 5.08
CA GLY D 230 -19.25 12.42 6.54
C GLY D 230 -18.60 13.68 7.07
N ASN D 231 -19.39 14.64 7.59
CA ASN D 231 -18.74 15.93 7.88
C ASN D 231 -17.85 15.95 9.12
N ASP D 232 -17.85 14.82 9.82
CA ASP D 232 -16.87 14.40 10.82
C ASP D 232 -15.44 14.24 10.31
N LYS D 233 -15.25 13.77 9.07
CA LYS D 233 -13.88 13.37 8.57
C LYS D 233 -12.87 14.56 8.57
N GLN D 234 -11.62 14.28 8.87
CA GLN D 234 -10.62 15.33 8.87
C GLN D 234 -9.32 14.87 8.25
N GLY D 235 -8.55 15.83 7.70
CA GLY D 235 -7.17 15.65 7.16
C GLY D 235 -6.85 14.35 6.41
N GLN D 236 -6.31 14.43 5.19
CA GLN D 236 -6.16 13.26 4.30
C GLN D 236 -7.37 12.30 4.17
N MET D 237 -7.97 11.84 5.26
CA MET D 237 -9.14 10.93 5.15
C MET D 237 -10.24 11.58 4.29
N ILE D 238 -10.36 12.89 4.39
CA ILE D 238 -11.26 13.63 3.51
C ILE D 238 -10.89 13.30 2.08
N VAL D 239 -9.61 13.41 1.71
CA VAL D 239 -9.21 13.20 0.29
C VAL D 239 -9.40 11.73 -0.13
N PHE D 240 -9.15 10.82 0.81
CA PHE D 240 -9.25 9.37 0.57
C PHE D 240 -10.71 9.01 0.19
N HIS D 241 -11.66 9.51 0.99
CA HIS D 241 -13.05 9.26 0.75
C HIS D 241 -13.55 9.98 -0.51
N LEU D 242 -13.03 11.18 -0.82
CA LEU D 242 -13.41 11.90 -2.05
C LEU D 242 -13.06 11.08 -3.32
N ILE D 243 -11.83 10.64 -3.35
CA ILE D 243 -11.33 9.79 -4.40
C ILE D 243 -12.21 8.56 -4.56
N GLU D 244 -12.48 7.92 -3.44
CA GLU D 244 -13.21 6.73 -3.49
C GLU D 244 -14.65 6.97 -4.05
N LEU D 245 -15.33 7.98 -3.56
CA LEU D 245 -16.70 8.38 -3.93
C LEU D 245 -16.70 8.65 -5.46
N LEU D 246 -15.74 9.46 -5.91
CA LEU D 246 -15.72 9.84 -7.34
C LEU D 246 -15.42 8.73 -8.33
N LYS D 247 -14.44 7.88 -7.99
CA LYS D 247 -14.08 6.75 -8.84
C LYS D 247 -15.25 5.78 -9.09
N ASN D 248 -16.17 5.72 -8.16
CA ASN D 248 -17.27 4.75 -8.15
C ASN D 248 -18.61 5.43 -8.33
N ASN D 249 -18.59 6.62 -8.94
CA ASN D 249 -19.79 7.30 -9.47
C ASN D 249 -20.56 8.13 -8.53
N GLY D 250 -20.01 8.44 -7.34
CA GLY D 250 -20.72 9.42 -6.46
C GLY D 250 -20.61 10.82 -7.10
N ARG D 251 -21.66 11.62 -7.11
CA ARG D 251 -21.66 12.88 -7.80
C ARG D 251 -22.49 13.84 -6.99
N LEU D 252 -22.21 15.14 -7.16
CA LEU D 252 -23.13 16.21 -6.76
C LEU D 252 -24.56 15.96 -7.31
N PRO D 253 -25.58 16.23 -6.48
CA PRO D 253 -26.94 16.01 -6.93
C PRO D 253 -27.40 17.08 -7.91
N ARG D 254 -28.48 16.81 -8.64
CA ARG D 254 -29.10 17.84 -9.49
C ARG D 254 -29.61 18.96 -8.57
N PRO D 255 -29.23 20.25 -8.79
CA PRO D 255 -29.80 21.28 -7.90
C PRO D 255 -31.34 21.35 -8.02
N ASP D 256 -32.05 21.89 -7.04
CA ASP D 256 -33.51 21.98 -7.19
C ASP D 256 -33.87 22.98 -8.31
N GLY D 257 -34.84 22.64 -9.16
CA GLY D 257 -35.23 23.53 -10.26
C GLY D 257 -34.36 23.51 -11.50
N CYS D 258 -33.30 22.69 -11.47
CA CYS D 258 -32.37 22.49 -12.59
C CYS D 258 -33.02 21.49 -13.55
N PRO D 259 -33.17 21.88 -14.81
CA PRO D 259 -33.67 20.96 -15.81
C PRO D 259 -32.73 19.75 -15.98
N ASP D 260 -33.32 18.58 -16.17
CA ASP D 260 -32.56 17.35 -16.48
C ASP D 260 -31.52 17.51 -17.58
N GLU D 261 -31.91 18.21 -18.64
CA GLU D 261 -31.01 18.50 -19.76
C GLU D 261 -29.66 19.17 -19.35
N ILE D 262 -29.74 20.09 -18.40
CA ILE D 262 -28.57 20.81 -17.93
C ILE D 262 -27.77 19.96 -16.95
N TYR D 263 -28.47 19.25 -16.07
CA TYR D 263 -27.76 18.33 -15.15
C TYR D 263 -27.03 17.28 -15.97
N MET D 264 -27.66 16.84 -17.06
CA MET D 264 -26.99 15.87 -17.96
C MET D 264 -25.66 16.38 -18.54
N ILE D 265 -25.57 17.68 -18.77
CA ILE D 265 -24.36 18.26 -19.27
C ILE D 265 -23.31 18.21 -18.14
N MET D 266 -23.71 18.48 -16.91
CA MET D 266 -22.84 18.34 -15.73
C MET D 266 -22.23 16.94 -15.64
N THR D 267 -23.09 15.93 -15.76
CA THR D 267 -22.67 14.52 -15.62
C THR D 267 -21.79 14.03 -16.79
N GLU D 268 -22.02 14.56 -18.00
CA GLU D 268 -21.11 14.25 -19.12
C GLU D 268 -19.70 14.86 -18.92
N CYS D 269 -19.64 16.05 -18.34
CA CYS D 269 -18.32 16.61 -17.96
C CYS D 269 -17.68 15.79 -16.81
N TRP D 270 -18.52 15.29 -15.91
CA TRP D 270 -17.98 14.44 -14.81
C TRP D 270 -17.78 12.96 -15.18
N ASN D 271 -17.14 12.69 -16.32
CA ASN D 271 -16.77 11.32 -16.73
C ASN D 271 -15.39 10.96 -16.21
N ASN D 272 -15.27 9.81 -15.54
CA ASN D 272 -13.94 9.39 -15.12
C ASN D 272 -13.08 9.05 -16.34
N ASN D 273 -13.72 8.68 -17.45
CA ASN D 273 -13.01 8.47 -18.76
C ASN D 273 -12.65 9.81 -19.37
N VAL D 274 -11.39 10.19 -19.15
CA VAL D 274 -10.88 11.48 -19.52
C VAL D 274 -11.12 11.83 -20.98
N ASN D 275 -10.93 10.86 -21.86
CA ASN D 275 -11.10 11.04 -23.31
C ASN D 275 -12.53 11.05 -23.80
N GLN D 276 -13.47 10.78 -22.89
CA GLN D 276 -14.91 10.76 -23.23
C GLN D 276 -15.58 12.06 -22.78
N ARG D 277 -14.82 12.92 -22.11
CA ARG D 277 -15.37 14.26 -21.72
C ARG D 277 -15.59 15.08 -22.96
N PRO D 278 -16.70 15.87 -23.01
CA PRO D 278 -16.87 16.72 -24.21
C PRO D 278 -15.82 17.79 -24.27
N SER D 279 -15.59 18.33 -25.48
CA SER D 279 -14.76 19.52 -25.63
C SER D 279 -15.46 20.83 -25.15
N PHE D 280 -14.69 21.87 -24.86
CA PHE D 280 -15.31 23.21 -24.61
C PHE D 280 -16.10 23.70 -25.89
N ARG D 281 -15.59 23.38 -27.08
CA ARG D 281 -16.31 23.81 -28.27
C ARG D 281 -17.69 23.06 -28.42
N ASP D 282 -17.78 21.77 -28.12
CA ASP D 282 -19.14 21.19 -28.11
C ASP D 282 -20.07 21.56 -26.98
N LEU D 283 -19.48 21.79 -25.83
CA LEU D 283 -20.22 22.40 -24.71
C LEU D 283 -20.81 23.79 -25.07
N ALA D 284 -20.00 24.70 -25.61
CA ALA D 284 -20.49 26.03 -26.06
C ALA D 284 -21.64 25.89 -27.09
N LEU D 285 -21.40 25.07 -28.11
CA LEU D 285 -22.41 24.70 -29.11
C LEU D 285 -23.66 24.12 -28.47
N ARG D 286 -23.51 23.22 -27.50
CA ARG D 286 -24.69 22.68 -26.83
C ARG D 286 -25.49 23.71 -26.05
N VAL D 287 -24.78 24.45 -25.20
CA VAL D 287 -25.33 25.45 -24.29
C VAL D 287 -26.06 26.55 -25.05
N ASP D 288 -25.47 26.98 -26.18
CA ASP D 288 -26.06 28.00 -27.02
C ASP D 288 -27.39 27.52 -27.64
N GLN D 289 -27.58 26.21 -27.77
CA GLN D 289 -28.85 25.66 -28.31
C GLN D 289 -29.94 25.53 -27.19
N ILE D 290 -29.58 25.02 -26.01
CA ILE D 290 -30.48 25.07 -24.86
C ILE D 290 -31.00 26.52 -24.66
N ARG D 291 -30.07 27.49 -24.82
CA ARG D 291 -30.33 28.93 -24.68
C ARG D 291 -31.35 29.44 -25.69
N ASP D 292 -31.15 29.07 -26.95
CA ASP D 292 -32.10 29.37 -28.03
C ASP D 292 -33.51 28.87 -27.71
O10 O19 E . 9.82 -0.27 15.08
C9 O19 E . 9.36 0.85 15.23
C11 O19 E . 8.08 1.02 15.99
C15 O19 E . 6.97 1.10 14.95
C14 O19 E . 6.63 -0.36 14.63
C13 O19 E . 6.87 -1.08 15.94
N12 O19 E . 7.75 -0.18 16.71
N8 O19 E . 9.80 1.99 14.69
C6 O19 E . 10.93 2.20 13.88
C1 O19 E . 11.72 1.15 13.40
C5 O19 E . 11.21 3.53 13.55
C4 O19 E . 12.28 3.85 12.69
C3 O19 E . 13.06 2.78 12.22
C2 O19 E . 12.80 1.46 12.57
C7 O19 E . 14.25 3.03 11.39
N20 O19 E . 15.16 2.02 11.34
C19 O19 E . 16.25 2.13 10.57
N18 O19 E . 16.47 3.27 9.94
C17 O19 E . 15.63 4.34 9.96
C16 O19 E . 14.44 4.24 10.67
N21 O19 E . 17.26 1.24 10.51
C22 O19 E . 17.32 -0.07 10.99
C27 O19 E . 16.41 -0.60 11.93
C26 O19 E . 16.51 -1.92 12.34
C25 O19 E . 17.49 -2.72 11.77
C24 O19 E . 18.38 -2.22 10.84
C23 O19 E . 18.28 -0.90 10.44
N28 O19 E . 17.60 -4.06 12.14
C33 O19 E . 16.33 -4.81 12.41
C32 O19 E . 16.55 -6.31 12.68
O31 O19 E . 17.93 -6.72 12.70
C30 O19 E . 18.76 -6.08 11.72
C29 O19 E . 18.94 -4.65 12.16
O10 O19 F . 25.49 -16.84 3.92
C9 O19 F . 26.10 -17.47 3.04
C11 O19 F . 27.01 -18.57 3.50
C15 O19 F . 28.40 -17.90 3.54
C14 O19 F . 28.55 -17.36 4.96
C13 O19 F . 27.46 -18.06 5.78
N12 O19 F . 26.67 -18.90 4.88
N8 O19 F . 26.10 -17.25 1.71
C6 O19 F . 25.36 -16.28 1.02
C1 O19 F . 24.41 -15.46 1.64
C5 O19 F . 25.67 -16.13 -0.34
C4 O19 F . 25.04 -15.15 -1.10
C3 O19 F . 24.09 -14.31 -0.46
C2 O19 F . 23.76 -14.48 0.89
C7 O19 F . 23.38 -13.32 -1.28
N20 O19 F . 22.20 -12.84 -0.84
C19 O19 F . 21.47 -11.95 -1.55
N18 O19 F . 21.92 -11.55 -2.76
C17 O19 F . 23.07 -12.01 -3.29
C16 O19 F . 23.84 -12.92 -2.54
N21 O19 F . 20.26 -11.45 -1.11
C22 O19 F . 19.70 -11.69 0.15
C27 O19 F . 20.14 -12.71 1.04
C26 O19 F . 19.56 -12.86 2.32
C25 O19 F . 18.55 -11.97 2.74
C24 O19 F . 18.14 -10.95 1.87
C23 O19 F . 18.68 -10.80 0.58
N28 O19 F . 17.98 -12.13 4.02
C33 O19 F . 18.71 -12.98 4.98
C32 O19 F . 17.88 -13.07 6.26
O31 O19 F . 17.61 -11.76 6.72
C30 O19 F . 16.67 -11.08 5.86
C29 O19 F . 16.67 -11.54 4.38
O10 O19 G . -26.10 -18.62 -14.83
C9 O19 G . -26.59 -17.51 -14.54
C11 O19 G . -27.92 -17.45 -13.87
C15 O19 G . -28.97 -17.64 -14.99
C14 O19 G . -29.18 -19.15 -15.10
C13 O19 G . -28.79 -19.72 -13.73
N12 O19 G . -28.16 -18.61 -13.02
N8 O19 G . -26.02 -16.33 -14.80
C6 O19 G . -24.80 -16.07 -15.48
C1 O19 G . -23.97 -17.05 -15.99
C5 O19 G . -24.51 -14.75 -15.71
C4 O19 G . -23.40 -14.39 -16.45
C3 O19 G . -22.55 -15.41 -16.96
C2 O19 G . -22.82 -16.70 -16.71
C7 O19 G . -21.33 -15.02 -17.66
N20 O19 G . -20.27 -15.90 -17.69
C19 O19 G . -19.11 -15.57 -18.30
N18 O19 G . -19.00 -14.34 -18.83
C17 O19 G . -20.00 -13.41 -18.81
C16 O19 G . -21.21 -13.74 -18.22
N21 O19 G . -18.04 -16.44 -18.36
C22 O19 G . -18.05 -17.76 -17.89
C27 O19 G . -19.04 -18.30 -17.05
C26 O19 G . -18.97 -19.65 -16.62
C25 O19 G . -17.91 -20.48 -17.07
C24 O19 G . -16.94 -19.92 -17.92
C23 O19 G . -16.98 -18.59 -18.33
N28 O19 G . -17.82 -21.84 -16.69
C33 O19 G . -19.05 -22.66 -16.57
C32 O19 G . -18.71 -24.12 -16.92
O31 O19 G . -17.67 -24.51 -16.04
C30 O19 G . -16.42 -23.92 -16.38
C29 O19 G . -16.48 -22.38 -16.34
O10 O19 H . -8.76 36.92 -5.27
C9 O19 H . -8.04 36.49 -6.18
C11 O19 H . -7.12 35.30 -5.96
C15 O19 H . -5.75 35.87 -5.59
C14 O19 H . -5.85 36.17 -4.10
C13 O19 H . -6.74 35.04 -3.59
N12 O19 H . -7.53 34.63 -4.78
N8 O19 H . -7.91 36.99 -7.41
C6 O19 H . -8.57 38.06 -8.02
C1 O19 H . -9.41 38.92 -7.31
C5 O19 H . -8.30 38.22 -9.38
C4 O19 H . -8.86 39.30 -10.07
C3 O19 H . -9.72 40.17 -9.35
C2 O19 H . -9.98 39.99 -7.99
C7 O19 H . -10.38 41.29 -10.06
N20 O19 H . -11.48 41.81 -9.47
C19 O19 H . -12.18 42.84 -10.02
N18 O19 H . -11.74 43.32 -11.18
C17 O19 H . -10.68 42.84 -11.85
C16 O19 H . -9.93 41.79 -11.30
N21 O19 H . -13.31 43.36 -9.47
C22 O19 H . -13.94 43.12 -8.23
C27 O19 H . -13.56 42.06 -7.37
C26 O19 H . -14.18 41.89 -6.13
C25 O19 H . -15.15 42.80 -5.72
C24 O19 H . -15.51 43.86 -6.55
C23 O19 H . -14.91 44.00 -7.77
N28 O19 H . -15.76 42.70 -4.46
C33 O19 H . -14.90 42.30 -3.31
C32 O19 H . -15.74 41.94 -2.10
O31 O19 H . -16.75 42.95 -1.91
C30 O19 H . -17.75 42.88 -2.95
C29 O19 H . -17.18 43.12 -4.35
#